data_8WMQ
#
_entry.id   8WMQ
#
_cell.length_a   1.00
_cell.length_b   1.00
_cell.length_c   1.00
_cell.angle_alpha   90.00
_cell.angle_beta   90.00
_cell.angle_gamma   90.00
#
_symmetry.space_group_name_H-M   'P 1'
#
loop_
_entity.id
_entity.type
_entity.pdbx_description
1 polymer 'Adenine/guanine permease AZG1'
2 branched 2-acetamido-2-deoxy-beta-D-glucopyranose-(1-4)-2-acetamido-2-deoxy-beta-D-glucopyranose
3 non-polymer (2E)-2-methyl-4-(9H-purin-6-ylamino)but-2-en-1-ol
#
_entity_poly.entity_id   1
_entity_poly.type   'polypeptide(L)'
_entity_poly.pdbx_seq_one_letter_code
;MEQQQQQQLPSTTTRPKPKLLNRLNTYVGSSRVGKRFKLAERNSTFTTELRAGTATFLTMAYILAVNASILSDSGGTCSV
SDCIPLCSNPAIEPSQCTGPGLRLIQPDVSCKFNPVNPGYAACVEEIRKDLIVATVAASLIGCVIMGLMANLPLALAPGM
GTNAYFAYTVVGFHGSGSISYRTALAAVFIEGLIFLFISAIGFRAKLAKLVPKPVRISSSAGIGLFLAFIGLQNNQGIGL
VGYSPSTLVTLAACPASSRISLAPVITSANGTVSLLAGGSVSGDIMCIHGRMESPTFWLGIVGFVIIAYCLVKNVKGAMI
YGIVFVTAVSWFRNTEVTAFPNTSAGDAAHDYFKKIVDVHVIKHTAGALSFSGINKGHFWEALVTFLYVDILDTTGTLYS
MARFAGFVDEKGDFAGQYFAFMSDASAIVIGSLLGTSPVTVFIESSTGIREGGRTGLTAITVAVYFLLAMFFTPLLASIP
AWAVGPPLILVGVMMMKSVTEIDWEDMREAIPAFVTMILMPLTYSVAYGLIGGIGSYVVLHLWDWGEEGLVKLGFLKRKV
KEEDNNNGVVKASEIDTTVSGRDYKDDDDKWSHPQFEKGGGGSGGSAWSHPQFEK
;
_entity_poly.pdbx_strand_id   B,A
#
# COMPACT_ATOMS: atom_id res chain seq x y z
N PRO A 18 26.20 53.59 -3.48
CA PRO A 18 25.93 52.29 -4.10
C PRO A 18 24.51 52.14 -4.64
N LYS A 19 23.57 51.74 -3.79
CA LYS A 19 22.18 51.60 -4.19
C LYS A 19 21.33 51.65 -2.92
N LEU A 20 20.09 52.09 -3.08
CA LEU A 20 19.21 52.21 -1.92
C LEU A 20 19.13 50.90 -1.16
N LEU A 21 19.12 49.78 -1.88
CA LEU A 21 19.27 48.48 -1.23
C LEU A 21 20.49 48.47 -0.32
N ASN A 22 21.59 49.08 -0.77
CA ASN A 22 22.82 49.05 0.01
C ASN A 22 22.74 49.98 1.21
N ARG A 23 22.17 51.18 1.06
CA ARG A 23 21.98 52.02 2.24
C ARG A 23 21.10 51.33 3.27
N LEU A 24 20.01 50.71 2.83
CA LEU A 24 19.14 50.03 3.78
C LEU A 24 19.88 48.90 4.47
N ASN A 25 20.62 48.09 3.71
CA ASN A 25 21.40 47.01 4.29
C ASN A 25 22.36 47.54 5.36
N THR A 26 23.15 48.55 5.01
CA THR A 26 24.14 49.07 5.95
C THR A 26 23.49 49.68 7.18
N TYR A 27 22.41 50.45 6.98
CA TYR A 27 21.75 51.10 8.10
C TYR A 27 21.21 50.08 9.08
N VAL A 28 20.58 49.02 8.58
CA VAL A 28 20.10 47.98 9.47
C VAL A 28 21.28 47.27 10.14
N GLY A 29 22.35 47.01 9.39
CA GLY A 29 23.49 46.33 9.97
C GLY A 29 24.13 47.10 11.11
N SER A 30 24.15 48.42 11.03
CA SER A 30 24.78 49.25 12.04
C SER A 30 23.84 49.64 13.18
N SER A 31 22.62 49.11 13.19
CA SER A 31 21.64 49.44 14.20
C SER A 31 21.67 48.44 15.36
N ARG A 32 20.98 48.79 16.45
CA ARG A 32 20.91 47.89 17.59
C ARG A 32 20.23 46.58 17.22
N VAL A 33 19.11 46.67 16.50
CA VAL A 33 18.39 45.46 16.12
C VAL A 33 19.28 44.57 15.27
N GLY A 34 20.08 45.17 14.39
CA GLY A 34 21.00 44.37 13.59
C GLY A 34 21.99 43.60 14.44
N LYS A 35 22.45 44.20 15.53
CA LYS A 35 23.35 43.48 16.43
C LYS A 35 22.61 42.42 17.25
N ARG A 36 21.32 42.63 17.49
CA ARG A 36 20.56 41.65 18.26
C ARG A 36 20.62 40.27 17.61
N PHE A 37 20.41 40.22 16.29
CA PHE A 37 20.46 38.96 15.55
C PHE A 37 21.84 38.62 15.03
N LYS A 38 22.87 39.39 15.38
CA LYS A 38 24.25 39.08 14.98
C LYS A 38 24.38 39.14 13.46
N LEU A 39 23.87 40.21 12.87
CA LEU A 39 23.83 40.30 11.41
C LEU A 39 25.22 40.25 10.80
N ALA A 40 26.13 41.12 11.28
CA ALA A 40 27.46 41.19 10.67
C ALA A 40 28.20 39.88 10.83
N GLU A 41 28.11 39.26 12.00
CA GLU A 41 28.83 38.01 12.24
C GLU A 41 28.45 36.92 11.26
N ARG A 42 27.24 36.96 10.70
CA ARG A 42 26.77 35.91 9.80
C ARG A 42 26.79 36.32 8.34
N ASN A 43 27.33 37.49 8.01
CA ASN A 43 27.65 37.85 6.62
C ASN A 43 26.38 38.03 5.78
N SER A 44 25.40 38.72 6.34
CA SER A 44 24.20 39.13 5.61
C SER A 44 23.51 40.20 6.43
N THR A 45 22.95 41.24 5.77
CA THR A 45 22.56 42.45 6.49
C THR A 45 21.05 42.66 6.53
N PHE A 46 20.40 42.90 5.40
CA PHE A 46 18.95 43.04 5.45
C PHE A 46 18.22 42.33 4.32
N THR A 47 18.78 42.39 3.11
CA THR A 47 18.02 42.00 1.93
C THR A 47 18.11 40.51 1.66
N THR A 48 19.26 39.90 1.93
CA THR A 48 19.33 38.44 1.88
C THR A 48 18.28 37.84 2.80
N GLU A 49 18.05 38.47 3.95
CA GLU A 49 17.05 37.97 4.88
C GLU A 49 15.65 38.02 4.27
N LEU A 50 15.28 39.16 3.68
CA LEU A 50 13.94 39.28 3.11
C LEU A 50 13.76 38.32 1.94
N ARG A 51 14.78 38.18 1.10
CA ARG A 51 14.67 37.23 -0.01
C ARG A 51 14.51 35.80 0.49
N ALA A 52 15.27 35.42 1.52
CA ALA A 52 15.13 34.08 2.07
C ALA A 52 13.73 33.88 2.64
N GLY A 53 13.21 34.88 3.36
CA GLY A 53 11.87 34.75 3.91
C GLY A 53 10.81 34.60 2.84
N THR A 54 10.90 35.41 1.78
CA THR A 54 9.94 35.30 0.69
C THR A 54 10.01 33.94 0.03
N ALA A 55 11.22 33.44 -0.22
CA ALA A 55 11.36 32.13 -0.83
C ALA A 55 10.76 31.06 0.07
N THR A 56 11.02 31.14 1.38
CA THR A 56 10.47 30.15 2.30
C THR A 56 8.95 30.17 2.27
N PHE A 57 8.36 31.37 2.32
CA PHE A 57 6.91 31.48 2.32
C PHE A 57 6.33 30.89 1.04
N LEU A 58 6.92 31.21 -0.11
CA LEU A 58 6.44 30.63 -1.36
C LEU A 58 6.55 29.12 -1.35
N THR A 59 7.64 28.58 -0.79
CA THR A 59 7.81 27.14 -0.74
C THR A 59 6.77 26.45 0.12
N MET A 60 6.42 27.02 1.27
CA MET A 60 5.61 26.32 2.26
C MET A 60 4.27 26.99 2.53
N ALA A 61 3.72 27.74 1.57
CA ALA A 61 2.39 28.30 1.75
C ALA A 61 1.27 27.26 1.63
N TYR A 62 1.50 26.14 0.96
CA TYR A 62 0.42 25.18 0.69
C TYR A 62 -0.24 24.65 1.96
N ILE A 63 0.46 24.71 3.10
CA ILE A 63 -0.13 24.27 4.35
C ILE A 63 -1.44 25.01 4.60
N LEU A 64 -1.50 26.27 4.17
CA LEU A 64 -2.66 27.12 4.44
C LEU A 64 -3.96 26.43 4.04
N ALA A 65 -3.95 25.73 2.92
CA ALA A 65 -5.13 25.00 2.46
C ALA A 65 -5.14 23.56 2.94
N VAL A 66 -3.99 22.88 2.83
CA VAL A 66 -3.99 21.45 3.10
C VAL A 66 -4.37 21.15 4.55
N ASN A 67 -3.74 21.86 5.49
CA ASN A 67 -3.99 21.59 6.90
C ASN A 67 -5.44 21.88 7.26
N ALA A 68 -5.97 23.01 6.77
CA ALA A 68 -7.35 23.35 7.07
C ALA A 68 -8.30 22.28 6.56
N SER A 69 -8.12 21.85 5.32
CA SER A 69 -9.02 20.83 4.77
C SER A 69 -8.95 19.55 5.59
N ILE A 70 -7.73 19.08 5.88
CA ILE A 70 -7.57 17.79 6.55
C ILE A 70 -8.18 17.85 7.94
N LEU A 71 -7.96 18.94 8.68
CA LEU A 71 -8.51 19.04 10.02
C LEU A 71 -10.02 19.26 10.00
N SER A 72 -10.54 19.97 8.99
CA SER A 72 -11.98 20.15 8.86
C SER A 72 -12.68 18.82 8.63
N ASP A 73 -12.07 17.92 7.86
CA ASP A 73 -12.71 16.63 7.63
C ASP A 73 -12.85 15.83 8.91
N SER A 74 -12.14 16.21 9.98
CA SER A 74 -12.18 15.47 11.24
C SER A 74 -13.51 15.58 11.96
N GLY A 75 -14.40 16.47 11.55
CA GLY A 75 -15.70 16.60 12.17
C GLY A 75 -15.86 17.77 13.11
N GLY A 76 -14.78 18.35 13.60
CA GLY A 76 -14.90 19.54 14.43
C GLY A 76 -15.34 19.23 15.86
N THR A 77 -15.80 20.27 16.54
CA THR A 77 -16.12 20.19 17.95
C THR A 77 -17.58 19.84 18.23
N CYS A 78 -18.44 19.82 17.23
CA CYS A 78 -19.87 19.67 17.46
C CYS A 78 -20.33 18.25 17.17
N SER A 79 -21.40 17.87 17.86
CA SER A 79 -21.89 16.50 17.89
C SER A 79 -23.30 16.45 17.32
N VAL A 80 -23.98 15.31 17.51
CA VAL A 80 -25.32 15.12 16.98
C VAL A 80 -26.28 16.20 17.43
N SER A 81 -25.94 16.94 18.49
CA SER A 81 -26.84 17.97 18.99
C SER A 81 -27.16 19.03 17.94
N ASP A 82 -26.32 19.18 16.92
CA ASP A 82 -26.56 20.15 15.86
C ASP A 82 -27.28 19.56 14.66
N CYS A 83 -27.66 18.28 14.70
CA CYS A 83 -28.50 17.71 13.66
C CYS A 83 -29.94 18.13 13.90
N ILE A 84 -30.54 18.77 12.91
CA ILE A 84 -31.93 19.24 13.02
C ILE A 84 -32.87 18.06 12.80
N PRO A 85 -34.06 18.05 13.41
CA PRO A 85 -35.06 17.05 13.05
C PRO A 85 -35.45 17.18 11.58
N LEU A 86 -35.65 16.04 10.93
CA LEU A 86 -35.91 16.00 9.50
C LEU A 86 -37.28 15.42 9.21
N CYS A 87 -37.81 15.75 8.04
CA CYS A 87 -39.13 15.29 7.63
C CYS A 87 -39.06 13.87 7.08
N SER A 88 -40.25 13.29 6.84
CA SER A 88 -40.32 11.94 6.29
C SER A 88 -40.01 11.94 4.81
N ASN A 89 -40.40 13.00 4.10
CA ASN A 89 -40.14 13.12 2.67
C ASN A 89 -39.26 14.33 2.40
N PRO A 90 -38.22 14.19 1.58
CA PRO A 90 -37.32 15.33 1.34
C PRO A 90 -38.01 16.52 0.68
N ALA A 91 -39.02 16.28 -0.15
CA ALA A 91 -39.69 17.38 -0.85
C ALA A 91 -40.36 18.36 0.09
N ILE A 92 -40.61 17.98 1.34
CA ILE A 92 -41.21 18.85 2.33
C ILE A 92 -40.13 19.25 3.32
N GLU A 93 -39.95 20.57 3.48
CA GLU A 93 -38.97 21.07 4.43
C GLU A 93 -39.45 20.78 5.86
N PRO A 94 -38.53 20.51 6.80
CA PRO A 94 -38.97 20.17 8.16
C PRO A 94 -39.91 21.18 8.78
N SER A 95 -39.71 22.48 8.53
CA SER A 95 -40.59 23.48 9.13
C SER A 95 -42.05 23.28 8.73
N GLN A 96 -42.31 22.84 7.50
CA GLN A 96 -43.67 22.59 7.01
C GLN A 96 -44.06 21.12 7.11
N CYS A 97 -43.24 20.29 7.77
CA CYS A 97 -43.51 18.87 7.88
C CYS A 97 -44.62 18.61 8.91
N THR A 98 -45.86 18.86 8.48
CA THR A 98 -47.03 18.67 9.32
C THR A 98 -48.19 18.23 8.46
N GLY A 99 -48.66 17.00 8.66
CA GLY A 99 -49.79 16.48 7.94
C GLY A 99 -50.05 15.02 8.23
N PRO A 100 -51.04 14.43 7.54
CA PRO A 100 -51.35 13.01 7.77
C PRO A 100 -50.18 12.13 7.37
N GLY A 101 -49.95 11.10 8.19
CA GLY A 101 -48.86 10.18 7.92
C GLY A 101 -47.50 10.84 7.81
N LEU A 102 -47.36 12.09 8.26
CA LEU A 102 -46.12 12.83 8.18
C LEU A 102 -45.65 13.14 9.60
N ARG A 103 -44.34 13.06 9.81
CA ARG A 103 -43.76 13.14 11.14
C ARG A 103 -42.34 13.69 11.04
N LEU A 104 -41.70 13.87 12.19
CA LEU A 104 -40.32 14.31 12.24
C LEU A 104 -39.43 13.21 12.81
N ILE A 105 -38.29 13.00 12.17
CA ILE A 105 -37.33 11.98 12.58
C ILE A 105 -36.35 12.62 13.55
N GLN A 106 -36.21 12.03 14.74
CA GLN A 106 -35.28 12.54 15.72
C GLN A 106 -33.85 12.15 15.37
N PRO A 107 -32.92 13.09 15.34
CA PRO A 107 -31.54 12.74 14.94
C PRO A 107 -30.88 11.79 15.90
N ASP A 108 -30.12 10.86 15.33
CA ASP A 108 -29.27 9.93 16.06
C ASP A 108 -27.86 10.01 15.49
N VAL A 109 -27.00 9.08 15.89
CA VAL A 109 -25.63 9.07 15.41
C VAL A 109 -25.60 9.06 13.89
N SER A 110 -26.53 8.34 13.26
CA SER A 110 -26.48 8.18 11.82
C SER A 110 -26.67 9.50 11.09
N CYS A 111 -27.13 10.55 11.77
CA CYS A 111 -27.22 11.85 11.12
C CYS A 111 -25.85 12.38 10.71
N LYS A 112 -24.80 12.03 11.46
CA LYS A 112 -23.46 12.54 11.17
C LYS A 112 -22.91 12.03 9.84
N PHE A 113 -23.40 10.90 9.34
CA PHE A 113 -22.84 10.25 8.17
C PHE A 113 -23.85 10.30 7.02
N ASN A 114 -23.49 9.66 5.92
CA ASN A 114 -24.31 9.70 4.72
C ASN A 114 -25.66 9.05 5.00
N PRO A 115 -26.79 9.72 4.73
CA PRO A 115 -26.91 11.10 4.23
C PRO A 115 -26.76 12.13 5.34
N VAL A 116 -25.78 13.02 5.18
CA VAL A 116 -25.42 13.95 6.24
C VAL A 116 -26.58 14.91 6.50
N ASN A 117 -26.86 15.16 7.78
CA ASN A 117 -27.89 16.11 8.14
C ASN A 117 -27.40 17.53 7.83
N PRO A 118 -28.29 18.42 7.36
CA PRO A 118 -27.82 19.76 6.96
C PRO A 118 -27.13 20.54 8.07
N GLY A 119 -27.64 20.44 9.31
CA GLY A 119 -27.05 21.18 10.40
C GLY A 119 -25.60 20.81 10.63
N TYR A 120 -25.30 19.52 10.56
CA TYR A 120 -23.91 19.08 10.70
C TYR A 120 -23.05 19.62 9.57
N ALA A 121 -23.59 19.71 8.35
CA ALA A 121 -22.82 20.28 7.24
C ALA A 121 -22.49 21.75 7.51
N ALA A 122 -23.47 22.53 7.98
CA ALA A 122 -23.20 23.93 8.29
C ALA A 122 -22.15 24.05 9.41
N CYS A 123 -22.29 23.23 10.46
CA CYS A 123 -21.30 23.20 11.53
C CYS A 123 -19.92 22.91 10.98
N VAL A 124 -19.83 21.92 10.07
CA VAL A 124 -18.54 21.54 9.51
C VAL A 124 -17.93 22.68 8.73
N GLU A 125 -18.72 23.41 7.95
CA GLU A 125 -18.18 24.55 7.20
C GLU A 125 -17.67 25.62 8.14
N GLU A 126 -18.43 25.93 9.20
CA GLU A 126 -17.99 26.93 10.15
C GLU A 126 -16.68 26.49 10.82
N ILE A 127 -16.59 25.21 11.17
CA ILE A 127 -15.36 24.70 11.77
C ILE A 127 -14.21 24.78 10.78
N ARG A 128 -14.49 24.60 9.48
CA ARG A 128 -13.45 24.75 8.49
C ARG A 128 -12.86 26.15 8.50
N LYS A 129 -13.72 27.17 8.55
CA LYS A 129 -13.23 28.54 8.62
C LYS A 129 -12.42 28.75 9.90
N ASP A 130 -12.95 28.26 11.02
CA ASP A 130 -12.24 28.42 12.30
C ASP A 130 -10.87 27.78 12.25
N LEU A 131 -10.76 26.60 11.66
CA LEU A 131 -9.49 25.90 11.58
C LEU A 131 -8.52 26.61 10.66
N ILE A 132 -8.99 27.20 9.56
CA ILE A 132 -8.10 28.00 8.72
C ILE A 132 -7.45 29.10 9.56
N VAL A 133 -8.28 29.86 10.29
CA VAL A 133 -7.74 30.96 11.07
C VAL A 133 -6.81 30.44 12.16
N ALA A 134 -7.16 29.31 12.77
CA ALA A 134 -6.33 28.74 13.82
C ALA A 134 -4.96 28.36 13.29
N THR A 135 -4.92 27.70 12.13
CA THR A 135 -3.64 27.34 11.52
C THR A 135 -2.79 28.58 11.28
N VAL A 136 -3.39 29.63 10.70
CA VAL A 136 -2.61 30.82 10.40
C VAL A 136 -2.02 31.40 11.70
N ALA A 137 -2.85 31.56 12.73
CA ALA A 137 -2.37 32.16 13.96
C ALA A 137 -1.28 31.32 14.61
N ALA A 138 -1.46 29.99 14.65
CA ALA A 138 -0.48 29.13 15.28
C ALA A 138 0.85 29.21 14.55
N SER A 139 0.82 29.15 13.22
CA SER A 139 2.07 29.23 12.48
C SER A 139 2.76 30.58 12.71
N LEU A 140 2.00 31.67 12.71
CA LEU A 140 2.59 32.98 12.95
C LEU A 140 3.30 33.03 14.29
N ILE A 141 2.60 32.62 15.35
CA ILE A 141 3.19 32.72 16.69
C ILE A 141 4.41 31.81 16.81
N GLY A 142 4.34 30.60 16.26
CA GLY A 142 5.48 29.71 16.29
C GLY A 142 6.69 30.30 15.60
N CYS A 143 6.48 30.88 14.41
CA CYS A 143 7.59 31.50 13.69
C CYS A 143 8.19 32.63 14.51
N VAL A 144 7.36 33.47 15.12
CA VAL A 144 7.89 34.59 15.89
C VAL A 144 8.72 34.09 17.06
N ILE A 145 8.21 33.11 17.81
CA ILE A 145 8.95 32.61 18.96
C ILE A 145 10.28 31.99 18.53
N MET A 146 10.25 31.16 17.48
CA MET A 146 11.48 30.56 16.99
C MET A 146 12.49 31.62 16.59
N GLY A 147 12.05 32.64 15.83
CA GLY A 147 12.97 33.66 15.38
C GLY A 147 13.54 34.50 16.51
N LEU A 148 12.76 34.72 17.56
CA LEU A 148 13.23 35.61 18.62
C LEU A 148 14.03 34.88 19.69
N MET A 149 13.44 33.88 20.36
CA MET A 149 14.12 33.26 21.48
C MET A 149 15.40 32.53 21.07
N ALA A 150 15.33 31.64 20.08
CA ALA A 150 16.49 30.88 19.67
C ALA A 150 17.33 31.57 18.60
N ASN A 151 16.76 32.51 17.86
CA ASN A 151 17.50 33.30 16.88
C ASN A 151 18.11 32.41 15.79
N LEU A 152 17.24 31.69 15.08
CA LEU A 152 17.63 30.90 13.93
C LEU A 152 16.67 31.16 12.79
N PRO A 153 17.10 30.95 11.55
CA PRO A 153 16.24 31.18 10.37
C PRO A 153 15.41 29.97 9.95
N LEU A 154 14.56 29.50 10.86
CA LEU A 154 13.68 28.35 10.60
C LEU A 154 12.22 28.80 10.62
N ALA A 155 11.36 27.99 10.00
CA ALA A 155 9.94 28.25 9.93
C ALA A 155 9.17 27.10 10.57
N LEU A 156 8.06 27.43 11.23
CA LEU A 156 7.25 26.47 11.95
C LEU A 156 5.82 26.49 11.44
N ALA A 157 5.17 25.33 11.46
CA ALA A 157 3.78 25.23 11.04
C ALA A 157 3.29 23.81 11.31
N PRO A 158 1.99 23.58 11.23
CA PRO A 158 1.47 22.22 11.49
C PRO A 158 2.09 21.19 10.57
N GLY A 159 2.43 20.03 11.13
CA GLY A 159 3.07 18.98 10.36
C GLY A 159 2.12 18.25 9.44
N MET A 160 2.64 17.81 8.29
CA MET A 160 1.81 17.07 7.35
C MET A 160 1.52 15.66 7.85
N GLY A 161 2.55 14.97 8.37
CA GLY A 161 2.37 13.60 8.79
C GLY A 161 1.36 13.45 9.92
N THR A 162 1.43 14.35 10.91
CA THR A 162 0.54 14.28 12.05
C THR A 162 -0.86 14.79 11.73
N ASN A 163 -1.01 15.68 10.75
CA ASN A 163 -2.33 16.15 10.33
C ASN A 163 -3.28 14.98 10.10
N ALA A 164 -2.92 14.09 9.17
CA ALA A 164 -3.81 12.99 8.82
C ALA A 164 -3.98 12.02 9.98
N TYR A 165 -2.92 11.77 10.74
CA TYR A 165 -3.03 10.88 11.88
C TYR A 165 -4.05 11.39 12.88
N PHE A 166 -4.04 12.70 13.14
CA PHE A 166 -5.03 13.30 14.03
C PHE A 166 -6.42 13.23 13.42
N ALA A 167 -6.56 13.58 12.14
CA ALA A 167 -7.88 13.79 11.56
C ALA A 167 -8.60 12.47 11.27
N TYR A 168 -7.88 11.46 10.80
CA TYR A 168 -8.51 10.25 10.28
C TYR A 168 -8.34 9.03 11.16
N THR A 169 -7.43 9.05 12.14
CA THR A 169 -7.16 7.89 12.97
C THR A 169 -7.55 8.13 14.43
N VAL A 170 -7.03 9.19 15.06
CA VAL A 170 -7.33 9.42 16.46
C VAL A 170 -8.79 9.80 16.64
N VAL A 171 -9.27 10.74 15.84
CA VAL A 171 -10.65 11.20 15.92
C VAL A 171 -11.55 10.47 14.94
N GLY A 172 -11.08 10.24 13.72
CA GLY A 172 -11.88 9.57 12.72
C GLY A 172 -12.64 10.54 11.84
N PHE A 173 -13.26 9.99 10.80
CA PHE A 173 -14.04 10.82 9.89
C PHE A 173 -15.37 11.20 10.54
N HIS A 174 -15.60 12.50 10.68
CA HIS A 174 -16.80 13.02 11.34
C HIS A 174 -16.96 12.42 12.74
N GLY A 175 -15.84 12.32 13.45
CA GLY A 175 -15.88 11.89 14.84
C GLY A 175 -16.28 10.43 15.03
N SER A 176 -15.84 9.55 14.14
CA SER A 176 -16.13 8.13 14.25
C SER A 176 -15.06 7.36 15.00
N GLY A 177 -14.03 8.04 15.51
CA GLY A 177 -12.94 7.38 16.18
C GLY A 177 -13.24 7.08 17.64
N SER A 178 -12.23 6.53 18.32
CA SER A 178 -12.36 6.15 19.71
C SER A 178 -12.02 7.27 20.69
N ILE A 179 -11.59 8.43 20.19
CA ILE A 179 -11.21 9.56 21.04
C ILE A 179 -12.01 10.78 20.59
N SER A 180 -12.60 11.48 21.55
CA SER A 180 -13.31 12.71 21.24
C SER A 180 -12.32 13.82 20.89
N TYR A 181 -12.76 14.71 20.01
CA TYR A 181 -11.89 15.78 19.51
C TYR A 181 -11.24 16.55 20.64
N ARG A 182 -12.04 16.95 21.65
CA ARG A 182 -11.50 17.73 22.74
C ARG A 182 -10.45 16.96 23.52
N THR A 183 -10.69 15.67 23.76
CA THR A 183 -9.69 14.85 24.43
C THR A 183 -8.46 14.66 23.57
N ALA A 184 -8.62 14.64 22.25
CA ALA A 184 -7.45 14.60 21.37
C ALA A 184 -6.60 15.86 21.54
N LEU A 185 -7.24 17.03 21.59
CA LEU A 185 -6.48 18.25 21.84
C LEU A 185 -5.80 18.21 23.20
N ALA A 186 -6.47 17.65 24.20
CA ALA A 186 -5.84 17.50 25.52
C ALA A 186 -4.61 16.59 25.43
N ALA A 187 -4.70 15.51 24.66
CA ALA A 187 -3.56 14.63 24.49
C ALA A 187 -2.39 15.37 23.84
N VAL A 188 -2.68 16.16 22.81
CA VAL A 188 -1.61 16.94 22.17
C VAL A 188 -0.99 17.90 23.17
N PHE A 189 -1.81 18.56 23.99
CA PHE A 189 -1.30 19.49 24.99
C PHE A 189 -0.36 18.79 25.96
N ILE A 190 -0.79 17.66 26.51
CA ILE A 190 0.05 16.94 27.47
C ILE A 190 1.34 16.47 26.80
N GLU A 191 1.25 16.01 25.55
CA GLU A 191 2.44 15.59 24.83
C GLU A 191 3.43 16.74 24.69
N GLY A 192 2.94 17.92 24.32
CA GLY A 192 3.82 19.07 24.20
C GLY A 192 4.49 19.41 25.53
N LEU A 193 3.71 19.38 26.61
CA LEU A 193 4.27 19.68 27.91
C LEU A 193 5.37 18.68 28.28
N ILE A 194 5.11 17.40 28.06
CA ILE A 194 6.11 16.37 28.38
C ILE A 194 7.36 16.56 27.52
N PHE A 195 7.18 16.92 26.24
CA PHE A 195 8.33 17.15 25.38
C PHE A 195 9.18 18.30 25.92
N LEU A 196 8.54 19.40 26.32
CA LEU A 196 9.29 20.50 26.90
C LEU A 196 10.05 20.04 28.14
N PHE A 197 9.39 19.30 29.02
CA PHE A 197 10.05 18.83 30.23
C PHE A 197 11.29 18.00 29.90
N ILE A 198 11.13 17.00 29.03
CA ILE A 198 12.26 16.11 28.76
C ILE A 198 13.38 16.87 28.04
N SER A 199 13.04 17.81 27.15
CA SER A 199 14.07 18.57 26.48
C SER A 199 14.87 19.42 27.46
N ALA A 200 14.19 19.99 28.46
CA ALA A 200 14.89 20.84 29.42
C ALA A 200 16.00 20.13 30.17
N ILE A 201 15.87 18.82 30.39
CA ILE A 201 16.79 18.09 31.25
C ILE A 201 17.86 17.34 30.46
N GLY A 202 17.86 17.47 29.13
CA GLY A 202 18.86 16.77 28.34
C GLY A 202 18.69 15.27 28.31
N PHE A 203 17.55 14.76 28.75
CA PHE A 203 17.24 13.34 28.71
C PHE A 203 16.69 12.91 27.36
N ARG A 204 16.55 13.84 26.42
CA ARG A 204 15.94 13.55 25.13
C ARG A 204 16.72 12.50 24.35
N ALA A 205 18.05 12.61 24.31
CA ALA A 205 18.84 11.67 23.52
C ALA A 205 18.70 10.26 24.05
N LYS A 206 18.42 10.10 25.35
CA LYS A 206 18.26 8.76 25.90
C LYS A 206 17.00 8.09 25.35
N LEU A 207 15.88 8.84 25.30
CA LEU A 207 14.69 8.31 24.65
C LEU A 207 14.93 8.08 23.15
N ALA A 208 15.62 9.00 22.50
CA ALA A 208 15.79 8.91 21.05
C ALA A 208 16.47 7.61 20.65
N LYS A 209 17.22 7.00 21.57
CA LYS A 209 17.88 5.73 21.29
C LYS A 209 17.01 4.53 21.65
N LEU A 210 15.80 4.75 22.15
CA LEU A 210 14.94 3.62 22.51
C LEU A 210 14.42 2.90 21.27
N VAL A 211 14.00 3.64 20.26
CA VAL A 211 13.47 3.01 19.04
C VAL A 211 14.62 2.35 18.28
N PRO A 212 14.44 1.15 17.74
CA PRO A 212 15.49 0.56 16.91
C PRO A 212 15.73 1.37 15.65
N LYS A 213 16.93 1.21 15.08
CA LYS A 213 17.28 1.99 13.89
C LYS A 213 16.35 1.75 12.72
N PRO A 214 16.09 0.51 12.27
CA PRO A 214 15.26 0.33 11.07
C PRO A 214 13.87 0.92 11.19
N VAL A 215 13.25 0.80 12.36
CA VAL A 215 11.91 1.38 12.56
C VAL A 215 11.98 2.89 12.42
N ARG A 216 12.98 3.51 13.04
CA ARG A 216 13.15 4.96 12.94
C ARG A 216 13.34 5.38 11.50
N ILE A 217 14.12 4.61 10.74
CA ILE A 217 14.40 4.96 9.36
C ILE A 217 13.15 4.82 8.49
N SER A 218 12.39 3.75 8.68
CA SER A 218 11.29 3.43 7.78
C SER A 218 9.96 4.03 8.18
N SER A 219 9.85 4.61 9.37
CA SER A 219 8.58 5.24 9.76
C SER A 219 8.23 6.40 8.84
N SER A 220 9.24 7.16 8.39
CA SER A 220 8.97 8.27 7.49
C SER A 220 8.43 7.78 6.15
N ALA A 221 9.02 6.71 5.60
CA ALA A 221 8.50 6.14 4.37
C ALA A 221 7.08 5.62 4.56
N GLY A 222 6.81 4.98 5.70
CA GLY A 222 5.46 4.55 5.98
C GLY A 222 4.47 5.70 5.98
N ILE A 223 4.83 6.80 6.64
CA ILE A 223 3.95 7.97 6.68
C ILE A 223 3.77 8.54 5.29
N GLY A 224 4.82 8.54 4.47
CA GLY A 224 4.68 9.00 3.10
C GLY A 224 3.71 8.17 2.31
N LEU A 225 3.80 6.84 2.43
CA LEU A 225 2.85 5.97 1.76
C LEU A 225 1.44 6.21 2.28
N PHE A 226 1.29 6.46 3.58
CA PHE A 226 -0.03 6.74 4.15
C PHE A 226 -0.63 8.00 3.52
N LEU A 227 0.17 9.06 3.43
CA LEU A 227 -0.32 10.30 2.80
C LEU A 227 -0.67 10.07 1.33
N ALA A 228 0.17 9.30 0.63
CA ALA A 228 -0.12 9.02 -0.78
C ALA A 228 -1.44 8.27 -0.93
N PHE A 229 -1.69 7.30 -0.05
CA PHE A 229 -2.95 6.58 -0.08
C PHE A 229 -4.12 7.52 0.20
N ILE A 230 -3.98 8.40 1.19
CA ILE A 230 -5.03 9.36 1.49
C ILE A 230 -5.32 10.23 0.28
N GLY A 231 -4.28 10.62 -0.46
CA GLY A 231 -4.48 11.46 -1.63
C GLY A 231 -5.18 10.76 -2.78
N LEU A 232 -5.27 9.43 -2.74
CA LEU A 232 -5.90 8.66 -3.79
C LEU A 232 -7.31 8.22 -3.44
N GLN A 233 -7.87 8.73 -2.35
CA GLN A 233 -9.22 8.36 -1.93
C GLN A 233 -10.23 9.29 -2.59
N ASN A 234 -11.48 9.26 -2.13
CA ASN A 234 -12.58 10.00 -2.74
C ASN A 234 -12.84 11.33 -2.04
N ASN A 235 -13.14 11.30 -0.75
CA ASN A 235 -13.44 12.54 -0.03
C ASN A 235 -12.19 13.25 0.46
N GLN A 236 -11.01 12.74 0.12
CA GLN A 236 -9.74 13.38 0.46
C GLN A 236 -8.97 13.88 -0.75
N GLY A 237 -9.15 13.27 -1.92
CA GLY A 237 -8.35 13.61 -3.07
C GLY A 237 -9.06 13.46 -4.41
N ILE A 238 -8.36 12.86 -5.38
CA ILE A 238 -8.85 12.80 -6.76
C ILE A 238 -9.58 11.50 -7.07
N GLY A 239 -10.00 10.74 -6.06
CA GLY A 239 -10.59 9.45 -6.33
C GLY A 239 -9.55 8.48 -6.86
N LEU A 240 -9.94 7.70 -7.86
CA LEU A 240 -9.13 6.70 -8.54
C LEU A 240 -8.95 5.43 -7.71
N VAL A 241 -9.45 5.38 -6.48
CA VAL A 241 -9.46 4.17 -5.68
C VAL A 241 -10.84 4.04 -5.06
N GLY A 242 -11.46 2.88 -5.23
CA GLY A 242 -12.81 2.66 -4.75
C GLY A 242 -12.98 1.31 -4.09
N TYR A 243 -14.23 0.84 -4.01
CA TYR A 243 -14.53 -0.41 -3.35
C TYR A 243 -14.84 -1.49 -4.37
N SER A 244 -14.48 -2.73 -4.03
CA SER A 244 -14.82 -3.89 -4.85
C SER A 244 -15.24 -5.03 -3.94
N PRO A 245 -16.27 -5.81 -4.31
CA PRO A 245 -16.72 -6.87 -3.41
C PRO A 245 -15.67 -7.94 -3.16
N SER A 246 -14.74 -8.15 -4.10
CA SER A 246 -13.79 -9.24 -3.99
C SER A 246 -12.41 -8.79 -3.50
N THR A 247 -11.78 -7.84 -4.19
CA THR A 247 -10.44 -7.41 -3.83
C THR A 247 -10.40 -6.27 -2.84
N LEU A 248 -11.55 -5.64 -2.56
CA LEU A 248 -11.68 -4.60 -1.55
C LEU A 248 -11.07 -3.26 -1.99
N VAL A 249 -10.36 -3.25 -3.12
CA VAL A 249 -9.82 -2.02 -3.69
C VAL A 249 -9.56 -2.23 -5.18
N THR A 250 -10.09 -1.35 -6.01
CA THR A 250 -9.87 -1.39 -7.45
C THR A 250 -9.91 0.03 -8.00
N LEU A 251 -10.09 0.14 -9.31
CA LEU A 251 -9.89 1.40 -10.02
C LEU A 251 -11.20 2.19 -10.07
N ALA A 252 -11.22 3.29 -9.31
CA ALA A 252 -12.33 4.24 -9.24
C ALA A 252 -12.17 5.33 -10.29
N ALA A 253 -12.78 6.50 -10.05
CA ALA A 253 -12.80 7.62 -10.97
C ALA A 253 -13.86 7.47 -12.04
N CYS A 254 -14.96 6.84 -11.68
CA CYS A 254 -16.20 6.93 -12.45
C CYS A 254 -16.94 8.22 -12.09
N PRO A 255 -17.86 8.67 -12.93
CA PRO A 255 -18.59 9.90 -12.62
C PRO A 255 -19.36 9.78 -11.32
N ALA A 256 -19.51 10.91 -10.63
CA ALA A 256 -20.19 10.91 -9.34
C ALA A 256 -21.62 10.40 -9.43
N SER A 257 -22.27 10.57 -10.58
CA SER A 257 -23.65 10.12 -10.74
C SER A 257 -23.78 8.61 -10.75
N SER A 258 -22.68 7.88 -10.94
CA SER A 258 -22.70 6.42 -11.00
C SER A 258 -22.02 5.79 -9.78
N ARG A 259 -22.05 6.47 -8.64
CA ARG A 259 -21.49 5.94 -7.40
C ARG A 259 -22.61 5.64 -6.42
N ILE A 260 -22.51 4.49 -5.74
CA ILE A 260 -23.52 4.04 -4.80
C ILE A 260 -22.85 3.66 -3.49
N SER A 261 -23.67 3.44 -2.46
CA SER A 261 -23.20 3.16 -1.12
C SER A 261 -23.34 1.67 -0.79
N LEU A 262 -22.83 1.29 0.38
CA LEU A 262 -22.88 -0.08 0.86
C LEU A 262 -23.50 -0.11 2.24
N ALA A 263 -24.09 -1.25 2.59
CA ALA A 263 -24.69 -1.45 3.91
C ALA A 263 -24.46 -2.88 4.36
N PRO A 264 -24.40 -3.13 5.67
CA PRO A 264 -24.25 -4.50 6.15
C PRO A 264 -25.51 -5.31 5.93
N VAL A 265 -25.36 -6.63 5.81
CA VAL A 265 -26.43 -7.55 5.44
C VAL A 265 -26.23 -8.88 6.14
N ILE A 266 -27.35 -9.55 6.41
CA ILE A 266 -27.36 -10.87 7.04
C ILE A 266 -27.67 -11.90 5.97
N THR A 267 -26.68 -12.73 5.65
CA THR A 267 -26.81 -13.73 4.61
C THR A 267 -27.58 -14.94 5.15
N SER A 268 -27.63 -16.01 4.36
CA SER A 268 -28.26 -17.26 4.76
C SER A 268 -27.62 -18.38 3.96
N ALA A 269 -28.23 -19.57 4.00
CA ALA A 269 -27.70 -20.74 3.32
C ALA A 269 -28.52 -21.13 2.09
N ASN A 270 -29.35 -20.22 1.58
CA ASN A 270 -30.14 -20.45 0.39
C ASN A 270 -30.09 -19.31 -0.61
N GLY A 271 -29.72 -18.11 -0.18
CA GLY A 271 -29.56 -16.99 -1.10
C GLY A 271 -30.34 -15.74 -0.71
N THR A 272 -31.08 -15.79 0.39
CA THR A 272 -31.84 -14.64 0.82
C THR A 272 -30.92 -13.62 1.49
N VAL A 273 -31.37 -12.37 1.55
CA VAL A 273 -30.59 -11.27 2.13
C VAL A 273 -31.54 -10.22 2.67
N SER A 274 -31.14 -9.55 3.74
CA SER A 274 -31.88 -8.42 4.27
C SER A 274 -30.92 -7.48 4.98
N LEU A 275 -31.34 -6.23 5.13
CA LEU A 275 -30.50 -5.23 5.78
C LEU A 275 -30.38 -5.50 7.27
N LEU A 276 -29.29 -5.03 7.85
CA LEU A 276 -29.03 -5.15 9.29
C LEU A 276 -29.41 -3.84 9.96
N ALA A 277 -30.30 -3.92 10.95
CA ALA A 277 -30.67 -2.73 11.71
C ALA A 277 -29.44 -2.14 12.38
N GLY A 278 -29.27 -0.82 12.22
CA GLY A 278 -28.12 -0.13 12.75
C GLY A 278 -26.89 -0.17 11.88
N GLY A 279 -27.04 -0.48 10.58
CA GLY A 279 -25.89 -0.50 9.72
C GLY A 279 -25.31 0.89 9.51
N SER A 280 -23.99 0.98 9.62
CA SER A 280 -23.27 2.23 9.43
C SER A 280 -23.01 2.42 7.94
N VAL A 281 -23.96 3.08 7.27
CA VAL A 281 -23.86 3.25 5.82
C VAL A 281 -22.58 4.01 5.48
N SER A 282 -21.97 3.64 4.35
CA SER A 282 -20.77 4.29 3.85
C SER A 282 -21.14 5.31 2.78
N GLY A 283 -20.18 6.16 2.44
CA GLY A 283 -20.37 7.13 1.38
C GLY A 283 -20.36 6.47 0.02
N ASP A 284 -20.44 7.32 -1.01
CA ASP A 284 -20.44 6.82 -2.38
C ASP A 284 -19.06 6.32 -2.77
N ILE A 285 -18.83 5.02 -2.63
CA ILE A 285 -17.50 4.45 -2.86
C ILE A 285 -17.48 3.42 -3.98
N MET A 286 -18.63 2.89 -4.38
CA MET A 286 -18.69 1.83 -5.39
C MET A 286 -19.10 2.41 -6.72
N CYS A 287 -18.37 2.06 -7.78
CA CYS A 287 -18.67 2.51 -9.13
C CYS A 287 -19.40 1.40 -9.89
N ILE A 288 -20.50 1.77 -10.55
CA ILE A 288 -21.30 0.79 -11.27
C ILE A 288 -21.00 0.77 -12.77
N HIS A 289 -20.58 1.89 -13.34
CA HIS A 289 -20.16 1.91 -14.75
C HIS A 289 -19.48 3.25 -15.01
N GLY A 290 -18.72 3.30 -16.11
CA GLY A 290 -18.06 4.52 -16.53
C GLY A 290 -16.72 4.77 -15.87
N ARG A 291 -15.87 3.75 -15.78
CA ARG A 291 -14.59 3.91 -15.12
C ARG A 291 -13.67 4.82 -15.93
N MET A 292 -12.83 5.58 -15.24
CA MET A 292 -11.89 6.50 -15.87
C MET A 292 -12.60 7.54 -16.73
N GLU A 293 -13.67 8.14 -16.20
CA GLU A 293 -14.44 9.13 -16.94
C GLU A 293 -14.88 10.32 -16.09
N SER A 294 -14.38 10.46 -14.87
CA SER A 294 -14.76 11.57 -14.03
C SER A 294 -13.91 12.80 -14.37
N PRO A 295 -14.52 13.92 -14.74
CA PRO A 295 -13.71 15.11 -15.09
C PRO A 295 -12.85 15.61 -13.95
N THR A 296 -13.31 15.49 -12.70
CA THR A 296 -12.51 15.96 -11.57
C THR A 296 -11.19 15.22 -11.50
N PHE A 297 -11.19 13.91 -11.77
CA PHE A 297 -9.95 13.15 -11.77
C PHE A 297 -8.96 13.70 -12.80
N TRP A 298 -9.44 14.02 -13.99
CA TRP A 298 -8.53 14.51 -15.03
C TRP A 298 -8.04 15.92 -14.71
N LEU A 299 -8.88 16.76 -14.12
CA LEU A 299 -8.41 18.07 -13.67
C LEU A 299 -7.33 17.92 -12.61
N GLY A 300 -7.53 17.00 -11.66
CA GLY A 300 -6.50 16.73 -10.68
C GLY A 300 -5.22 16.21 -11.31
N ILE A 301 -5.33 15.38 -12.34
CA ILE A 301 -4.15 14.91 -13.05
C ILE A 301 -3.42 16.07 -13.70
N VAL A 302 -4.15 17.01 -14.29
CA VAL A 302 -3.53 18.18 -14.89
C VAL A 302 -2.76 18.97 -13.84
N GLY A 303 -3.39 19.22 -12.69
CA GLY A 303 -2.70 19.90 -11.62
C GLY A 303 -1.46 19.15 -11.15
N PHE A 304 -1.57 17.82 -11.07
CA PHE A 304 -0.44 17.00 -10.66
C PHE A 304 0.73 17.16 -11.63
N VAL A 305 0.45 17.14 -12.93
CA VAL A 305 1.51 17.27 -13.91
C VAL A 305 2.13 18.66 -13.84
N ILE A 306 1.31 19.68 -13.62
CA ILE A 306 1.84 21.03 -13.48
C ILE A 306 2.81 21.11 -12.31
N ILE A 307 2.41 20.55 -11.16
CA ILE A 307 3.28 20.58 -9.99
C ILE A 307 4.54 19.77 -10.25
N ALA A 308 4.42 18.64 -10.96
CA ALA A 308 5.58 17.81 -11.25
C ALA A 308 6.59 18.57 -12.09
N TYR A 309 6.14 19.22 -13.16
CA TYR A 309 7.04 20.06 -13.94
C TYR A 309 7.67 21.15 -13.09
N CYS A 310 6.87 21.87 -12.33
CA CYS A 310 7.42 22.98 -11.54
C CYS A 310 8.45 22.49 -10.54
N LEU A 311 8.31 21.25 -10.05
CA LEU A 311 9.32 20.69 -9.18
C LEU A 311 10.57 20.28 -9.94
N VAL A 312 10.40 19.66 -11.11
CA VAL A 312 11.55 19.13 -11.84
C VAL A 312 12.45 20.28 -12.29
N LYS A 313 11.87 21.36 -12.77
CA LYS A 313 12.64 22.54 -13.19
C LYS A 313 13.18 23.33 -12.00
N ASN A 314 12.98 22.85 -10.77
CA ASN A 314 13.50 23.52 -9.58
C ASN A 314 12.96 24.94 -9.46
N VAL A 315 11.66 25.10 -9.67
CA VAL A 315 11.00 26.38 -9.52
C VAL A 315 10.27 26.37 -8.18
N LYS A 316 10.56 27.36 -7.34
CA LYS A 316 9.94 27.43 -6.02
C LYS A 316 8.46 27.75 -6.14
N GLY A 317 7.66 27.18 -5.24
CA GLY A 317 6.24 27.45 -5.22
C GLY A 317 5.42 26.60 -6.15
N ALA A 318 5.91 25.42 -6.53
CA ALA A 318 5.20 24.57 -7.47
C ALA A 318 3.81 24.21 -6.97
N MET A 319 3.72 23.71 -5.74
CA MET A 319 2.46 23.18 -5.24
C MET A 319 1.40 24.27 -5.19
N ILE A 320 1.82 25.49 -4.82
CA ILE A 320 0.87 26.61 -4.81
C ILE A 320 0.34 26.87 -6.21
N TYR A 321 1.21 26.83 -7.22
CA TYR A 321 0.76 27.08 -8.57
C TYR A 321 -0.25 26.03 -9.01
N GLY A 322 0.02 24.76 -8.73
CA GLY A 322 -0.92 23.72 -9.09
C GLY A 322 -2.26 23.86 -8.38
N ILE A 323 -2.21 24.11 -7.08
CA ILE A 323 -3.44 24.26 -6.31
C ILE A 323 -4.24 25.45 -6.84
N VAL A 324 -3.56 26.56 -7.12
CA VAL A 324 -4.25 27.76 -7.57
C VAL A 324 -4.88 27.53 -8.94
N PHE A 325 -4.18 26.85 -9.84
CA PHE A 325 -4.76 26.58 -11.15
C PHE A 325 -6.01 25.73 -11.02
N VAL A 326 -5.93 24.63 -10.25
CA VAL A 326 -7.08 23.75 -10.12
C VAL A 326 -8.25 24.49 -9.49
N THR A 327 -7.99 25.27 -8.43
CA THR A 327 -9.05 26.00 -7.76
C THR A 327 -9.68 27.04 -8.68
N ALA A 328 -8.85 27.77 -9.44
CA ALA A 328 -9.38 28.78 -10.35
C ALA A 328 -10.28 28.14 -11.40
N VAL A 329 -9.87 26.98 -11.94
CA VAL A 329 -10.75 26.30 -12.87
C VAL A 329 -12.04 25.86 -12.18
N SER A 330 -11.94 25.37 -10.94
CA SER A 330 -13.10 24.84 -10.23
C SER A 330 -14.03 25.94 -9.73
N TRP A 331 -13.63 27.21 -9.77
CA TRP A 331 -14.49 28.27 -9.26
C TRP A 331 -15.67 28.58 -10.17
N PHE A 332 -15.71 28.04 -11.38
CA PHE A 332 -16.84 28.30 -12.27
C PHE A 332 -18.08 27.56 -11.77
N ARG A 333 -19.25 28.03 -12.21
CA ARG A 333 -20.50 27.73 -11.51
C ARG A 333 -21.32 26.61 -12.14
N ASN A 334 -21.25 26.40 -13.45
CA ASN A 334 -22.12 25.45 -14.14
C ASN A 334 -21.29 24.43 -14.91
N THR A 335 -20.32 23.83 -14.23
CA THR A 335 -19.50 22.77 -14.79
C THR A 335 -19.63 21.50 -13.96
N GLU A 336 -19.11 20.40 -14.50
CA GLU A 336 -19.07 19.15 -13.75
C GLU A 336 -18.02 19.16 -12.65
N VAL A 337 -17.02 20.02 -12.73
CA VAL A 337 -15.97 20.12 -11.73
C VAL A 337 -16.12 21.39 -10.90
N THR A 338 -17.34 21.93 -10.83
CA THR A 338 -17.57 23.17 -10.09
C THR A 338 -17.41 22.94 -8.59
N ALA A 339 -16.78 23.90 -7.92
CA ALA A 339 -16.67 23.86 -6.48
C ALA A 339 -17.93 24.36 -5.78
N PHE A 340 -18.90 24.86 -6.54
CA PHE A 340 -20.18 25.35 -6.02
C PHE A 340 -21.30 24.62 -6.76
N PRO A 341 -21.77 23.49 -6.24
CA PRO A 341 -22.87 22.79 -6.90
C PRO A 341 -24.22 23.35 -6.50
N ASN A 342 -25.16 23.28 -7.43
CA ASN A 342 -26.42 24.00 -7.30
C ASN A 342 -27.31 23.38 -6.23
N THR A 343 -27.05 23.72 -4.96
CA THR A 343 -27.89 23.33 -3.86
C THR A 343 -27.86 24.44 -2.80
N SER A 344 -28.39 24.14 -1.62
CA SER A 344 -28.39 25.13 -0.54
C SER A 344 -26.98 25.40 -0.04
N ALA A 345 -26.25 24.34 0.28
CA ALA A 345 -24.88 24.50 0.77
C ALA A 345 -24.00 25.13 -0.29
N GLY A 346 -24.15 24.72 -1.55
CA GLY A 346 -23.40 25.35 -2.62
C GLY A 346 -23.68 26.84 -2.74
N ASP A 347 -24.96 27.23 -2.64
CA ASP A 347 -25.29 28.64 -2.72
C ASP A 347 -24.71 29.42 -1.55
N ALA A 348 -24.76 28.84 -0.34
CA ALA A 348 -24.15 29.52 0.80
C ALA A 348 -22.65 29.67 0.63
N ALA A 349 -21.98 28.61 0.14
CA ALA A 349 -20.54 28.70 -0.08
C ALA A 349 -20.21 29.75 -1.12
N HIS A 350 -20.99 29.81 -2.20
CA HIS A 350 -20.77 30.84 -3.21
C HIS A 350 -20.99 32.23 -2.64
N ASP A 351 -22.01 32.38 -1.79
CA ASP A 351 -22.23 33.66 -1.13
C ASP A 351 -21.01 34.08 -0.32
N TYR A 352 -20.49 33.17 0.49
CA TYR A 352 -19.29 33.50 1.28
C TYR A 352 -18.11 33.83 0.38
N PHE A 353 -17.90 33.04 -0.67
CA PHE A 353 -16.76 33.26 -1.55
C PHE A 353 -16.90 34.56 -2.34
N LYS A 354 -18.13 35.08 -2.45
CA LYS A 354 -18.35 36.31 -3.20
C LYS A 354 -17.59 37.47 -2.57
N LYS A 355 -17.60 37.57 -1.25
CA LYS A 355 -16.83 38.60 -0.55
C LYS A 355 -15.37 38.13 -0.48
N ILE A 356 -14.48 38.91 -1.08
CA ILE A 356 -13.10 38.47 -1.26
C ILE A 356 -12.39 38.39 0.09
N VAL A 357 -12.51 39.44 0.90
CA VAL A 357 -11.74 39.56 2.13
C VAL A 357 -12.69 39.64 3.32
N ASP A 358 -12.32 38.95 4.39
CA ASP A 358 -13.11 38.95 5.62
C ASP A 358 -12.16 38.71 6.80
N VAL A 359 -12.62 39.13 7.98
CA VAL A 359 -11.88 38.90 9.22
C VAL A 359 -12.72 37.92 10.03
N HIS A 360 -12.41 36.63 9.89
CA HIS A 360 -13.10 35.60 10.65
C HIS A 360 -12.47 35.47 12.02
N VAL A 361 -13.31 35.22 13.03
CA VAL A 361 -12.89 35.12 14.42
C VAL A 361 -13.24 33.75 14.94
N ILE A 362 -12.28 33.08 15.57
CA ILE A 362 -12.46 31.74 16.11
C ILE A 362 -13.55 31.77 17.16
N LYS A 363 -14.48 30.82 17.11
CA LYS A 363 -15.61 30.79 18.02
C LYS A 363 -15.74 29.50 18.80
N HIS A 364 -15.36 28.35 18.23
CA HIS A 364 -15.56 27.06 18.88
C HIS A 364 -14.25 26.36 19.24
N THR A 365 -13.33 26.24 18.29
CA THR A 365 -12.11 25.47 18.52
C THR A 365 -11.16 26.13 19.51
N ALA A 366 -11.39 27.38 19.89
CA ALA A 366 -10.55 28.06 20.86
C ALA A 366 -10.84 27.55 22.26
N GLY A 367 -9.80 27.13 22.97
CA GLY A 367 -9.96 26.68 24.34
C GLY A 367 -10.90 25.50 24.49
N ALA A 368 -10.79 24.50 23.61
CA ALA A 368 -11.72 23.39 23.58
C ALA A 368 -11.15 22.13 24.22
N LEU A 369 -10.29 22.26 25.22
CA LEU A 369 -9.69 21.09 25.85
C LEU A 369 -10.69 20.39 26.77
N SER A 370 -10.44 19.11 27.01
CA SER A 370 -11.21 18.32 27.96
C SER A 370 -10.38 17.13 28.38
N PHE A 371 -10.27 16.91 29.69
CA PHE A 371 -9.44 15.83 30.25
C PHE A 371 -10.28 14.66 30.72
N SER A 372 -11.47 14.48 30.13
CA SER A 372 -12.37 13.42 30.57
C SER A 372 -11.82 12.03 30.31
N GLY A 373 -11.23 11.81 29.14
CA GLY A 373 -10.86 10.49 28.69
C GLY A 373 -9.45 10.04 29.03
N ILE A 374 -8.82 10.65 30.04
CA ILE A 374 -7.44 10.28 30.36
C ILE A 374 -7.34 8.81 30.76
N ASN A 375 -8.47 8.16 31.04
CA ASN A 375 -8.46 6.75 31.40
C ASN A 375 -8.25 5.82 30.22
N LYS A 376 -8.81 6.15 29.06
CA LYS A 376 -8.78 5.26 27.92
C LYS A 376 -7.36 4.96 27.49
N GLY A 377 -7.12 3.71 27.08
CA GLY A 377 -5.83 3.32 26.56
C GLY A 377 -5.47 4.00 25.25
N HIS A 378 -6.46 4.20 24.38
CA HIS A 378 -6.20 4.84 23.10
C HIS A 378 -5.70 6.28 23.31
N PHE A 379 -6.14 6.91 24.40
CA PHE A 379 -5.60 8.22 24.75
C PHE A 379 -4.09 8.17 24.87
N TRP A 380 -3.58 7.24 25.67
CA TRP A 380 -2.13 7.14 25.87
C TRP A 380 -1.43 6.66 24.61
N GLU A 381 -2.06 5.78 23.83
CA GLU A 381 -1.49 5.39 22.55
C GLU A 381 -1.25 6.59 21.66
N ALA A 382 -2.27 7.43 21.50
CA ALA A 382 -2.13 8.62 20.67
C ALA A 382 -1.08 9.57 21.24
N LEU A 383 -1.08 9.75 22.56
CA LEU A 383 -0.10 10.64 23.17
C LEU A 383 1.31 10.17 22.89
N VAL A 384 1.58 8.88 23.08
CA VAL A 384 2.93 8.36 22.90
C VAL A 384 3.34 8.42 21.43
N THR A 385 2.40 8.15 20.52
CA THR A 385 2.72 8.26 19.10
C THR A 385 3.09 9.69 18.74
N PHE A 386 2.29 10.66 19.21
CA PHE A 386 2.64 12.06 19.01
C PHE A 386 4.03 12.35 19.55
N LEU A 387 4.31 11.89 20.78
CA LEU A 387 5.57 12.21 21.43
C LEU A 387 6.76 11.68 20.64
N TYR A 388 6.70 10.41 20.23
CA TYR A 388 7.83 9.84 19.51
C TYR A 388 7.99 10.45 18.14
N VAL A 389 6.90 10.63 17.39
CA VAL A 389 7.03 11.24 16.06
C VAL A 389 7.65 12.61 16.19
N ASP A 390 7.16 13.42 17.14
CA ASP A 390 7.68 14.77 17.30
C ASP A 390 9.14 14.74 17.71
N ILE A 391 9.49 13.93 18.69
CA ILE A 391 10.89 13.84 19.14
C ILE A 391 11.79 13.56 17.95
N LEU A 392 11.54 12.45 17.26
CA LEU A 392 12.46 12.02 16.21
C LEU A 392 12.52 13.06 15.10
N ASP A 393 11.37 13.48 14.57
CA ASP A 393 11.38 14.38 13.43
C ASP A 393 12.03 15.71 13.80
N THR A 394 11.64 16.28 14.94
CA THR A 394 12.20 17.57 15.32
C THR A 394 13.71 17.48 15.49
N THR A 395 14.20 16.50 16.23
CA THR A 395 15.64 16.39 16.42
C THR A 395 16.35 16.26 15.07
N GLY A 396 15.90 15.33 14.24
CA GLY A 396 16.60 15.09 12.98
C GLY A 396 16.60 16.30 12.08
N THR A 397 15.43 16.91 11.88
CA THR A 397 15.33 18.03 10.95
C THR A 397 16.08 19.24 11.47
N LEU A 398 16.00 19.51 12.79
CA LEU A 398 16.73 20.64 13.34
C LEU A 398 18.23 20.46 13.16
N TYR A 399 18.76 19.27 13.45
CA TYR A 399 20.18 19.05 13.26
C TYR A 399 20.57 19.16 11.78
N SER A 400 19.74 18.63 10.88
CA SER A 400 20.05 18.72 9.46
C SER A 400 20.10 20.16 9.00
N MET A 401 19.13 20.98 9.42
CA MET A 401 19.11 22.38 9.02
C MET A 401 20.28 23.15 9.64
N ALA A 402 20.66 22.80 10.87
CA ALA A 402 21.85 23.42 11.45
C ALA A 402 23.08 23.09 10.63
N ARG A 403 23.21 21.83 10.22
CA ARG A 403 24.30 21.44 9.32
C ARG A 403 24.27 22.26 8.03
N PHE A 404 23.09 22.38 7.42
CA PHE A 404 22.99 22.99 6.10
C PHE A 404 23.43 24.45 6.13
N ALA A 405 23.29 25.11 7.28
CA ALA A 405 23.71 26.50 7.43
C ALA A 405 25.15 26.64 7.91
N GLY A 406 25.84 25.53 8.19
CA GLY A 406 27.22 25.61 8.63
C GLY A 406 27.38 26.21 10.01
N PHE A 407 26.51 25.86 10.95
CA PHE A 407 26.64 26.28 12.34
C PHE A 407 27.21 25.19 13.23
N VAL A 408 27.30 23.96 12.72
CA VAL A 408 27.70 22.81 13.52
C VAL A 408 29.20 22.88 13.78
N ASP A 409 29.58 22.70 15.04
CA ASP A 409 30.99 22.59 15.43
C ASP A 409 31.41 21.12 15.34
N GLU A 410 32.60 20.82 15.86
CA GLU A 410 33.07 19.43 15.80
C GLU A 410 32.27 18.54 16.73
N LYS A 411 31.97 19.00 17.94
CA LYS A 411 31.27 18.16 18.90
C LYS A 411 29.86 17.80 18.44
N GLY A 412 29.30 18.54 17.50
CA GLY A 412 27.99 18.23 16.94
C GLY A 412 26.85 19.09 17.42
N ASP A 413 27.12 20.14 18.18
CA ASP A 413 26.09 21.06 18.64
C ASP A 413 26.28 22.42 17.99
N PHE A 414 25.18 23.16 17.86
CA PHE A 414 25.16 24.45 17.18
C PHE A 414 24.72 25.55 18.14
N ALA A 415 25.17 25.47 19.39
CA ALA A 415 25.00 26.54 20.36
C ALA A 415 23.55 26.71 20.78
N GLY A 416 22.72 27.26 19.89
CA GLY A 416 21.36 27.63 20.25
C GLY A 416 20.34 26.52 20.14
N GLN A 417 20.79 25.26 20.22
CA GLN A 417 19.87 24.14 20.14
C GLN A 417 18.88 24.13 21.29
N TYR A 418 19.36 24.43 22.50
CA TYR A 418 18.50 24.43 23.69
C TYR A 418 17.22 25.21 23.44
N PHE A 419 17.35 26.50 23.17
CA PHE A 419 16.17 27.35 23.02
C PHE A 419 15.38 27.01 21.76
N ALA A 420 16.02 26.45 20.74
CA ALA A 420 15.26 26.00 19.58
C ALA A 420 14.29 24.89 19.96
N PHE A 421 14.77 23.88 20.68
CA PHE A 421 13.88 22.81 21.12
C PHE A 421 12.80 23.34 22.05
N MET A 422 13.18 24.25 22.96
CA MET A 422 12.19 24.81 23.88
C MET A 422 11.12 25.58 23.12
N SER A 423 11.53 26.37 22.12
CA SER A 423 10.57 27.12 21.33
C SER A 423 9.64 26.18 20.57
N ASP A 424 10.18 25.10 20.01
CA ASP A 424 9.32 24.14 19.32
C ASP A 424 8.29 23.56 20.28
N ALA A 425 8.70 23.19 21.49
CA ALA A 425 7.76 22.64 22.45
C ALA A 425 6.68 23.67 22.81
N SER A 426 7.08 24.92 23.03
CA SER A 426 6.10 25.94 23.37
C SER A 426 5.13 26.18 22.22
N ALA A 427 5.63 26.12 20.99
CA ALA A 427 4.76 26.25 19.83
C ALA A 427 3.76 25.10 19.77
N ILE A 428 4.21 23.89 20.09
CA ILE A 428 3.30 22.75 20.14
C ILE A 428 2.20 23.00 21.15
N VAL A 429 2.56 23.50 22.33
CA VAL A 429 1.56 23.75 23.36
C VAL A 429 0.56 24.81 22.90
N ILE A 430 1.06 25.90 22.30
CA ILE A 430 0.16 26.96 21.84
C ILE A 430 -0.77 26.43 20.76
N GLY A 431 -0.25 25.66 19.81
CA GLY A 431 -1.09 25.06 18.80
C GLY A 431 -2.16 24.18 19.41
N SER A 432 -1.80 23.40 20.43
CA SER A 432 -2.79 22.61 21.13
C SER A 432 -3.89 23.49 21.72
N LEU A 433 -3.49 24.61 22.33
CA LEU A 433 -4.49 25.51 22.90
C LEU A 433 -5.42 26.08 21.84
N LEU A 434 -4.89 26.43 20.67
CA LEU A 434 -5.72 27.01 19.62
C LEU A 434 -6.53 25.98 18.85
N GLY A 435 -6.19 24.70 18.95
CA GLY A 435 -6.99 23.65 18.35
C GLY A 435 -6.51 23.10 17.03
N THR A 436 -5.21 22.87 16.87
CA THR A 436 -4.67 22.27 15.65
C THR A 436 -3.68 21.18 16.03
N SER A 437 -3.37 20.33 15.05
CA SER A 437 -2.43 19.23 15.25
C SER A 437 -1.08 19.81 15.63
N PRO A 438 -0.14 18.99 16.11
CA PRO A 438 1.14 19.54 16.58
C PRO A 438 1.86 20.31 15.50
N VAL A 439 2.54 21.38 15.89
CA VAL A 439 3.32 22.22 15.00
C VAL A 439 4.77 21.77 15.05
N THR A 440 5.47 21.87 13.92
CA THR A 440 6.84 21.40 13.82
C THR A 440 7.63 22.35 12.93
N VAL A 441 8.95 22.14 12.92
CA VAL A 441 9.83 22.86 12.03
C VAL A 441 9.75 22.23 10.65
N PHE A 442 9.87 23.05 9.61
CA PHE A 442 9.67 22.60 8.24
C PHE A 442 10.99 22.45 7.50
N ILE A 443 11.12 21.30 6.81
CA ILE A 443 12.29 21.09 5.95
C ILE A 443 12.33 22.14 4.85
N GLU A 444 11.17 22.69 4.48
CA GLU A 444 11.14 23.73 3.46
C GLU A 444 12.02 24.91 3.80
N SER A 445 12.28 25.12 5.10
CA SER A 445 13.14 26.24 5.51
C SER A 445 14.50 26.17 4.82
N SER A 446 14.92 24.99 4.38
CA SER A 446 16.19 24.88 3.68
C SER A 446 16.29 25.89 2.56
N THR A 447 15.18 26.09 1.83
CA THR A 447 15.20 27.07 0.74
C THR A 447 15.71 28.41 1.23
N GLY A 448 15.14 28.92 2.32
CA GLY A 448 15.59 30.19 2.86
C GLY A 448 17.06 30.18 3.20
N ILE A 449 17.56 29.07 3.72
CA ILE A 449 18.99 28.97 3.98
C ILE A 449 19.76 28.88 2.67
N ARG A 450 19.24 28.13 1.70
CA ARG A 450 19.93 27.96 0.43
C ARG A 450 20.08 29.27 -0.33
N GLU A 451 19.28 30.28 0.00
CA GLU A 451 19.37 31.59 -0.63
C GLU A 451 20.28 32.55 0.13
N GLY A 452 20.70 32.20 1.35
CA GLY A 452 21.68 32.98 2.08
C GLY A 452 21.23 33.53 3.41
N GLY A 453 19.94 33.44 3.75
CA GLY A 453 19.47 33.93 5.03
C GLY A 453 20.16 33.18 6.16
N ARG A 454 20.54 33.90 7.22
CA ARG A 454 21.27 33.29 8.32
C ARG A 454 20.78 33.68 9.71
N THR A 455 19.86 34.62 9.84
CA THR A 455 19.46 35.14 11.14
C THR A 455 17.95 35.04 11.32
N GLY A 456 17.47 35.59 12.44
CA GLY A 456 16.07 35.47 12.80
C GLY A 456 15.12 36.31 11.97
N LEU A 457 15.64 37.19 11.12
CA LEU A 457 14.76 38.03 10.31
C LEU A 457 13.96 37.20 9.32
N THR A 458 14.50 36.05 8.90
CA THR A 458 13.75 35.17 8.01
C THR A 458 12.45 34.72 8.66
N ALA A 459 12.51 34.29 9.92
CA ALA A 459 11.31 33.84 10.62
C ALA A 459 10.29 34.96 10.74
N ILE A 460 10.75 36.17 11.06
CA ILE A 460 9.83 37.29 11.23
C ILE A 460 9.21 37.67 9.89
N THR A 461 9.98 37.59 8.81
CA THR A 461 9.42 37.85 7.49
C THR A 461 8.34 36.84 7.14
N VAL A 462 8.60 35.56 7.41
CA VAL A 462 7.59 34.53 7.15
C VAL A 462 6.35 34.77 8.01
N ALA A 463 6.56 35.21 9.26
CA ALA A 463 5.43 35.52 10.13
C ALA A 463 4.60 36.67 9.56
N VAL A 464 5.26 37.71 9.04
CA VAL A 464 4.53 38.82 8.44
C VAL A 464 3.75 38.34 7.23
N TYR A 465 4.34 37.45 6.43
CA TYR A 465 3.64 36.92 5.27
C TYR A 465 2.41 36.12 5.69
N PHE A 466 2.52 35.32 6.75
CA PHE A 466 1.33 34.64 7.28
C PHE A 466 0.28 35.65 7.74
N LEU A 467 0.71 36.69 8.46
CA LEU A 467 -0.26 37.70 8.89
C LEU A 467 -0.97 38.31 7.69
N LEU A 468 -0.26 38.45 6.58
CA LEU A 468 -0.90 38.86 5.33
C LEU A 468 -1.88 37.79 4.83
N ALA A 469 -1.51 36.52 4.97
CA ALA A 469 -2.36 35.45 4.45
C ALA A 469 -3.78 35.54 5.02
N MET A 470 -3.90 35.63 6.33
CA MET A 470 -5.18 35.93 6.95
C MET A 470 -5.65 37.29 6.45
N PHE A 471 -6.96 37.53 6.54
CA PHE A 471 -7.75 38.46 5.74
C PHE A 471 -8.22 37.86 4.43
N PHE A 472 -7.87 36.60 4.13
CA PHE A 472 -8.31 35.95 2.90
C PHE A 472 -9.01 34.62 3.20
N THR A 473 -9.62 34.50 4.38
CA THR A 473 -10.36 33.28 4.68
C THR A 473 -11.39 32.94 3.62
N PRO A 474 -12.17 33.88 3.09
CA PRO A 474 -13.19 33.51 2.11
C PRO A 474 -12.64 32.78 0.89
N LEU A 475 -11.47 33.17 0.38
CA LEU A 475 -10.92 32.51 -0.79
C LEU A 475 -10.34 31.14 -0.46
N LEU A 476 -9.66 31.00 0.67
CA LEU A 476 -9.05 29.73 1.04
C LEU A 476 -10.05 28.67 1.43
N ALA A 477 -11.32 29.03 1.62
CA ALA A 477 -12.33 28.09 2.08
C ALA A 477 -12.95 27.27 0.95
N SER A 478 -12.62 27.55 -0.30
CA SER A 478 -13.25 26.91 -1.45
C SER A 478 -12.30 25.96 -2.18
N ILE A 479 -11.50 25.20 -1.45
CA ILE A 479 -10.56 24.24 -2.02
C ILE A 479 -11.23 22.88 -2.08
N PRO A 480 -11.47 22.31 -3.26
CA PRO A 480 -12.02 20.96 -3.34
C PRO A 480 -10.95 19.89 -3.12
N ALA A 481 -11.41 18.65 -2.98
CA ALA A 481 -10.49 17.54 -2.74
C ALA A 481 -9.55 17.32 -3.92
N TRP A 482 -10.08 17.44 -5.14
CA TRP A 482 -9.25 17.27 -6.32
C TRP A 482 -8.23 18.39 -6.48
N ALA A 483 -8.31 19.42 -5.65
CA ALA A 483 -7.23 20.40 -5.54
C ALA A 483 -6.22 20.00 -4.47
N VAL A 484 -6.68 19.42 -3.36
CA VAL A 484 -5.76 19.01 -2.30
C VAL A 484 -4.87 17.88 -2.81
N GLY A 485 -5.45 16.70 -3.03
CA GLY A 485 -4.95 15.78 -4.04
C GLY A 485 -3.44 15.70 -4.27
N PRO A 486 -3.01 16.13 -5.46
CA PRO A 486 -1.61 15.93 -5.87
C PRO A 486 -0.62 16.52 -4.89
N PRO A 487 -0.91 17.66 -4.26
CA PRO A 487 -0.05 18.09 -3.15
C PRO A 487 0.26 16.99 -2.15
N LEU A 488 -0.76 16.28 -1.65
CA LEU A 488 -0.51 15.18 -0.73
C LEU A 488 0.30 14.08 -1.41
N ILE A 489 -0.05 13.75 -2.65
CA ILE A 489 0.66 12.66 -3.32
C ILE A 489 2.15 12.98 -3.43
N LEU A 490 2.47 14.20 -3.81
CA LEU A 490 3.86 14.59 -4.01
C LEU A 490 4.60 14.79 -2.70
N VAL A 491 3.91 15.19 -1.63
CA VAL A 491 4.55 15.19 -0.33
C VAL A 491 4.95 13.77 0.06
N GLY A 492 4.07 12.79 -0.21
CA GLY A 492 4.45 11.41 -0.01
C GLY A 492 5.65 11.01 -0.85
N VAL A 493 5.67 11.46 -2.11
CA VAL A 493 6.80 11.16 -2.99
C VAL A 493 8.10 11.67 -2.40
N MET A 494 8.09 12.92 -1.93
CA MET A 494 9.30 13.49 -1.33
C MET A 494 9.69 12.73 -0.06
N MET A 495 8.71 12.35 0.76
CA MET A 495 9.02 11.65 2.01
C MET A 495 9.61 10.26 1.77
N MET A 496 9.25 9.61 0.67
CA MET A 496 9.66 8.22 0.46
C MET A 496 11.17 8.05 0.32
N LYS A 497 11.92 9.13 0.12
CA LYS A 497 13.34 8.99 -0.24
C LYS A 497 14.20 8.34 0.84
N SER A 498 13.65 8.10 2.04
CA SER A 498 14.48 7.62 3.14
C SER A 498 14.71 6.11 3.13
N VAL A 499 14.12 5.38 2.18
CA VAL A 499 14.23 3.92 2.20
C VAL A 499 15.67 3.47 1.97
N THR A 500 16.47 4.28 1.26
CA THR A 500 17.81 3.85 0.88
C THR A 500 18.69 3.49 2.06
N GLU A 501 18.48 4.09 3.22
CA GLU A 501 19.33 3.90 4.39
C GLU A 501 19.15 2.53 5.04
N ILE A 502 18.28 1.68 4.50
CA ILE A 502 18.02 0.35 5.04
C ILE A 502 18.90 -0.65 4.29
N ASP A 503 19.57 -1.52 5.04
CA ASP A 503 20.34 -2.62 4.46
C ASP A 503 19.36 -3.75 4.16
N TRP A 504 18.88 -3.79 2.91
CA TRP A 504 17.84 -4.73 2.54
C TRP A 504 18.33 -6.16 2.42
N GLU A 505 19.64 -6.39 2.53
CA GLU A 505 20.15 -7.75 2.46
C GLU A 505 20.19 -8.44 3.82
N ASP A 506 20.05 -7.69 4.92
CA ASP A 506 20.08 -8.25 6.26
C ASP A 506 18.64 -8.41 6.75
N MET A 507 18.21 -9.66 6.90
CA MET A 507 16.81 -9.92 7.23
C MET A 507 16.42 -9.33 8.59
N ARG A 508 17.28 -9.46 9.60
CA ARG A 508 16.95 -8.96 10.92
C ARG A 508 16.67 -7.45 10.90
N GLU A 509 17.19 -6.74 9.91
CA GLU A 509 16.87 -5.33 9.73
C GLU A 509 15.86 -5.07 8.63
N ALA A 510 15.76 -5.98 7.67
CA ALA A 510 14.82 -5.78 6.56
C ALA A 510 13.38 -6.02 6.99
N ILE A 511 13.13 -7.11 7.72
CA ILE A 511 11.75 -7.54 7.98
C ILE A 511 11.01 -6.48 8.80
N PRO A 512 11.56 -5.99 9.91
CA PRO A 512 10.84 -4.94 10.65
C PRO A 512 10.55 -3.71 9.82
N ALA A 513 11.49 -3.30 8.96
CA ALA A 513 11.24 -2.11 8.14
C ALA A 513 10.12 -2.34 7.15
N PHE A 514 10.07 -3.51 6.52
CA PHE A 514 8.99 -3.80 5.59
C PHE A 514 7.65 -3.86 6.31
N VAL A 515 7.62 -4.46 7.50
CA VAL A 515 6.39 -4.50 8.29
C VAL A 515 5.93 -3.07 8.59
N THR A 516 6.86 -2.22 9.00
CA THR A 516 6.52 -0.84 9.31
C THR A 516 5.97 -0.12 8.09
N MET A 517 6.57 -0.36 6.92
CA MET A 517 6.12 0.35 5.72
C MET A 517 4.74 -0.12 5.29
N ILE A 518 4.48 -1.42 5.34
CA ILE A 518 3.22 -1.93 4.79
C ILE A 518 2.06 -1.84 5.78
N LEU A 519 2.32 -1.81 7.09
CA LEU A 519 1.20 -1.75 8.03
C LEU A 519 0.59 -0.37 8.12
N MET A 520 1.38 0.68 7.96
CA MET A 520 0.83 2.03 8.10
C MET A 520 -0.24 2.33 7.07
N PRO A 521 -0.01 2.14 5.76
CA PRO A 521 -1.04 2.51 4.79
C PRO A 521 -2.17 1.50 4.69
N LEU A 522 -1.94 0.25 5.09
CA LEU A 522 -2.99 -0.76 4.99
C LEU A 522 -3.92 -0.73 6.19
N THR A 523 -3.37 -0.81 7.40
CA THR A 523 -4.21 -0.62 8.58
C THR A 523 -4.62 0.83 8.76
N TYR A 524 -4.05 1.74 7.98
CA TYR A 524 -4.49 3.13 7.92
C TYR A 524 -4.25 3.84 9.24
N SER A 525 -3.27 3.36 10.02
CA SER A 525 -2.98 3.92 11.33
C SER A 525 -1.48 3.87 11.57
N VAL A 526 -0.90 4.99 12.01
CA VAL A 526 0.53 5.06 12.26
C VAL A 526 0.91 4.25 13.48
N ALA A 527 0.10 4.34 14.55
CA ALA A 527 0.46 3.69 15.80
C ALA A 527 0.58 2.18 15.64
N TYR A 528 -0.36 1.57 14.92
CA TYR A 528 -0.29 0.13 14.71
C TYR A 528 0.93 -0.26 13.90
N GLY A 529 1.29 0.55 12.91
CA GLY A 529 2.52 0.28 12.16
C GLY A 529 3.75 0.30 13.05
N LEU A 530 3.86 1.33 13.88
CA LEU A 530 5.00 1.42 14.79
C LEU A 530 5.02 0.24 15.75
N ILE A 531 3.86 -0.11 16.31
CA ILE A 531 3.80 -1.22 17.27
C ILE A 531 4.21 -2.52 16.61
N GLY A 532 3.69 -2.79 15.41
CA GLY A 532 4.07 -3.99 14.70
C GLY A 532 5.55 -4.04 14.39
N GLY A 533 6.11 -2.92 13.92
CA GLY A 533 7.53 -2.89 13.61
C GLY A 533 8.38 -3.18 14.83
N ILE A 534 8.09 -2.49 15.95
CA ILE A 534 8.89 -2.68 17.16
C ILE A 534 8.73 -4.11 17.68
N GLY A 535 7.51 -4.63 17.67
CA GLY A 535 7.30 -5.99 18.14
C GLY A 535 8.05 -7.01 17.31
N SER A 536 7.99 -6.88 15.98
CA SER A 536 8.71 -7.80 15.12
C SER A 536 10.21 -7.70 15.33
N TYR A 537 10.72 -6.47 15.47
CA TYR A 537 12.15 -6.29 15.73
C TYR A 537 12.55 -6.98 17.02
N VAL A 538 11.81 -6.74 18.10
CA VAL A 538 12.18 -7.32 19.39
C VAL A 538 12.10 -8.83 19.34
N VAL A 539 11.06 -9.38 18.73
CA VAL A 539 10.91 -10.83 18.67
C VAL A 539 12.03 -11.44 17.83
N LEU A 540 12.46 -10.74 16.77
CA LEU A 540 13.51 -11.28 15.92
C LEU A 540 14.86 -11.39 16.64
N HIS A 541 15.14 -10.48 17.57
CA HIS A 541 16.46 -10.40 18.19
C HIS A 541 16.55 -11.13 19.52
N LEU A 542 15.47 -11.79 19.97
CA LEU A 542 15.49 -12.38 21.31
C LEU A 542 16.61 -13.40 21.45
N TRP A 543 16.83 -14.22 20.42
CA TRP A 543 17.92 -15.18 20.48
C TRP A 543 19.25 -14.47 20.67
N ASP A 544 19.46 -13.37 19.94
CA ASP A 544 20.73 -12.65 20.03
C ASP A 544 20.91 -12.03 21.42
N TRP A 545 19.88 -11.32 21.91
CA TRP A 545 19.97 -10.75 23.25
C TRP A 545 20.27 -11.83 24.28
N GLY A 546 19.56 -12.95 24.20
CA GLY A 546 19.76 -14.00 25.18
C GLY A 546 21.15 -14.61 25.12
N GLU A 547 21.64 -14.89 23.91
CA GLU A 547 22.97 -15.47 23.78
C GLU A 547 24.04 -14.50 24.28
N GLU A 548 23.92 -13.22 23.93
CA GLU A 548 24.89 -12.24 24.40
C GLU A 548 24.88 -12.14 25.92
N GLY A 549 23.71 -12.01 26.53
CA GLY A 549 23.64 -11.91 27.98
C GLY A 549 24.13 -13.17 28.67
N LEU A 550 23.88 -14.33 28.05
CA LEU A 550 24.29 -15.59 28.67
C LEU A 550 25.80 -15.79 28.58
N VAL A 551 26.40 -15.43 27.45
CA VAL A 551 27.86 -15.44 27.35
C VAL A 551 28.44 -14.44 28.35
N LYS A 552 27.78 -13.29 28.51
CA LYS A 552 28.20 -12.35 29.53
C LYS A 552 28.15 -12.98 30.91
N LEU A 553 27.15 -13.83 31.15
CA LEU A 553 27.06 -14.56 32.42
C LEU A 553 28.18 -15.58 32.57
N GLY A 554 28.51 -16.32 31.51
CA GLY A 554 29.68 -17.16 31.51
C GLY A 554 29.48 -18.61 31.11
N PHE A 555 28.24 -19.08 30.97
CA PHE A 555 28.03 -20.48 30.60
C PHE A 555 28.59 -20.78 29.22
N LEU A 556 28.28 -19.92 28.25
CA LEU A 556 28.75 -20.08 26.87
C LEU A 556 29.99 -19.21 26.65
N LYS A 557 30.62 -19.41 25.50
CA LYS A 557 31.81 -18.63 25.13
C LYS A 557 31.50 -17.71 23.95
N PRO B 18 39.45 -44.87 -1.61
CA PRO B 18 38.94 -43.67 -0.93
C PRO B 18 37.62 -43.88 -0.18
N LYS B 19 36.50 -43.74 -0.87
CA LYS B 19 35.20 -43.96 -0.26
C LYS B 19 34.21 -44.25 -1.38
N LEU B 20 33.15 -45.00 -1.04
CA LEU B 20 32.18 -45.36 -2.06
C LEU B 20 31.66 -44.13 -2.79
N LEU B 21 31.48 -43.04 -2.07
CA LEU B 21 31.18 -41.77 -2.73
C LEU B 21 32.21 -41.47 -3.80
N ASN B 22 33.49 -41.76 -3.53
CA ASN B 22 34.54 -41.43 -4.48
C ASN B 22 34.52 -42.38 -5.67
N ARG B 23 34.29 -43.68 -5.46
CA ARG B 23 34.15 -44.57 -6.60
C ARG B 23 32.98 -44.15 -7.48
N LEU B 24 31.84 -43.82 -6.86
CA LEU B 24 30.69 -43.41 -7.65
C LEU B 24 31.00 -42.15 -8.44
N ASN B 25 31.60 -41.15 -7.77
CA ASN B 25 31.98 -39.91 -8.45
C ASN B 25 32.86 -40.21 -9.65
N THR B 26 33.94 -40.96 -9.45
CA THR B 26 34.88 -41.22 -10.54
C THR B 26 34.23 -42.02 -11.66
N TYR B 27 33.44 -43.03 -11.31
CA TYR B 27 32.80 -43.86 -12.33
C TYR B 27 31.89 -43.02 -13.21
N VAL B 28 31.08 -42.16 -12.59
CA VAL B 28 30.22 -41.29 -13.38
C VAL B 28 31.04 -40.31 -14.21
N GLY B 29 32.12 -39.78 -13.62
CA GLY B 29 32.95 -38.82 -14.35
C GLY B 29 33.58 -39.42 -15.59
N SER B 30 33.97 -40.69 -15.53
CA SER B 30 34.63 -41.34 -16.64
C SER B 30 33.67 -41.97 -17.64
N SER B 31 32.37 -41.79 -17.45
CA SER B 31 31.37 -42.40 -18.31
C SER B 31 30.94 -41.43 -19.42
N ARG B 32 30.20 -41.97 -20.39
CA ARG B 32 29.70 -41.15 -21.49
C ARG B 32 28.77 -40.06 -20.97
N VAL B 33 27.85 -40.41 -20.08
CA VAL B 33 26.91 -39.42 -19.57
C VAL B 33 27.65 -38.31 -18.86
N GLY B 34 28.74 -38.63 -18.15
CA GLY B 34 29.52 -37.61 -17.50
C GLY B 34 30.11 -36.61 -18.50
N LYS B 35 30.56 -37.11 -19.65
CA LYS B 35 31.09 -36.22 -20.68
C LYS B 35 29.98 -35.42 -21.34
N ARG B 36 28.78 -35.97 -21.42
CA ARG B 36 27.67 -35.24 -22.03
C ARG B 36 27.47 -33.88 -21.35
N PHE B 37 27.47 -33.87 -20.02
CA PHE B 37 27.28 -32.65 -19.25
C PHE B 37 28.58 -31.93 -18.92
N LYS B 38 29.72 -32.40 -19.44
CA LYS B 38 31.00 -31.72 -19.26
C LYS B 38 31.39 -31.71 -17.78
N LEU B 39 31.26 -32.87 -17.14
CA LEU B 39 31.48 -32.94 -15.70
C LEU B 39 32.90 -32.51 -15.31
N ALA B 40 33.90 -33.11 -15.95
CA ALA B 40 35.28 -32.85 -15.55
C ALA B 40 35.65 -31.38 -15.75
N GLU B 41 35.27 -30.80 -16.89
CA GLU B 41 35.63 -29.43 -17.18
C GLU B 41 35.07 -28.44 -16.17
N ARG B 42 34.00 -28.80 -15.46
CA ARG B 42 33.38 -27.92 -14.48
C ARG B 42 33.71 -28.28 -13.04
N ASN B 43 34.59 -29.27 -12.81
CA ASN B 43 35.20 -29.51 -11.50
C ASN B 43 34.16 -29.98 -10.48
N SER B 44 33.32 -30.93 -10.90
CA SER B 44 32.39 -31.60 -9.99
C SER B 44 31.88 -32.85 -10.71
N THR B 45 31.72 -33.97 -9.99
CA THR B 45 31.55 -35.26 -10.65
C THR B 45 30.16 -35.86 -10.45
N PHE B 46 29.78 -36.24 -9.23
CA PHE B 46 28.42 -36.75 -9.07
C PHE B 46 27.74 -36.24 -7.80
N THR B 47 28.48 -36.16 -6.69
CA THR B 47 27.86 -35.95 -5.40
C THR B 47 27.57 -34.48 -5.14
N THR B 48 28.44 -33.59 -5.61
CA THR B 48 28.13 -32.17 -5.54
C THR B 48 26.84 -31.86 -6.28
N GLU B 49 26.61 -32.54 -7.41
CA GLU B 49 25.38 -32.33 -8.16
C GLU B 49 24.16 -32.72 -7.34
N LEU B 50 24.19 -33.89 -6.71
CA LEU B 50 23.05 -34.33 -5.91
C LEU B 50 22.82 -33.42 -4.72
N ARG B 51 23.89 -32.98 -4.07
CA ARG B 51 23.73 -32.07 -2.94
C ARG B 51 23.10 -30.77 -3.39
N ALA B 52 23.56 -30.22 -4.52
CA ALA B 52 22.96 -28.99 -5.03
C ALA B 52 21.50 -29.19 -5.37
N GLY B 53 21.16 -30.31 -6.00
CA GLY B 53 19.77 -30.56 -6.36
C GLY B 53 18.88 -30.67 -5.13
N THR B 54 19.33 -31.39 -4.11
CA THR B 54 18.54 -31.53 -2.89
C THR B 54 18.35 -30.17 -2.22
N ALA B 55 19.42 -29.36 -2.15
CA ALA B 55 19.30 -28.05 -1.54
C ALA B 55 18.30 -27.20 -2.32
N THR B 56 18.38 -27.23 -3.65
CA THR B 56 17.45 -26.45 -4.46
C THR B 56 16.02 -26.87 -4.21
N PHE B 57 15.76 -28.18 -4.21
CA PHE B 57 14.40 -28.66 -3.98
C PHE B 57 13.88 -28.21 -2.61
N LEU B 58 14.72 -28.34 -1.58
CA LEU B 58 14.28 -27.88 -0.26
C LEU B 58 14.00 -26.38 -0.26
N THR B 59 14.80 -25.61 -1.01
CA THR B 59 14.60 -24.17 -1.04
C THR B 59 13.29 -23.78 -1.71
N MET B 60 12.94 -24.40 -2.83
CA MET B 60 11.78 -23.97 -3.61
C MET B 60 10.69 -25.03 -3.73
N ALA B 61 10.51 -25.85 -2.69
CA ALA B 61 9.34 -26.74 -2.67
C ALA B 61 8.03 -26.03 -2.35
N TYR B 62 8.07 -24.85 -1.73
CA TYR B 62 6.83 -24.19 -1.27
C TYR B 62 5.88 -23.90 -2.42
N ILE B 63 6.37 -23.79 -3.65
CA ILE B 63 5.50 -23.55 -4.79
C ILE B 63 4.42 -24.61 -4.84
N LEU B 64 4.75 -25.84 -4.44
CA LEU B 64 3.83 -26.96 -4.55
C LEU B 64 2.47 -26.63 -3.94
N ALA B 65 2.46 -25.93 -2.81
CA ALA B 65 1.22 -25.53 -2.17
C ALA B 65 0.77 -24.15 -2.62
N VAL B 66 1.69 -23.19 -2.66
CA VAL B 66 1.27 -21.81 -2.88
C VAL B 66 0.63 -21.66 -4.26
N ASN B 67 1.27 -22.19 -5.31
CA ASN B 67 0.74 -22.01 -6.66
C ASN B 67 -0.62 -22.67 -6.80
N ALA B 68 -0.75 -23.89 -6.27
CA ALA B 68 -2.02 -24.59 -6.36
C ALA B 68 -3.13 -23.81 -5.68
N SER B 69 -2.88 -23.31 -4.48
CA SER B 69 -3.92 -22.55 -3.78
C SER B 69 -4.32 -21.30 -4.56
N ILE B 70 -3.31 -20.55 -5.03
CA ILE B 70 -3.60 -19.28 -5.69
C ILE B 70 -4.38 -19.51 -6.97
N LEU B 71 -4.00 -20.54 -7.75
CA LEU B 71 -4.71 -20.80 -8.99
C LEU B 71 -6.08 -21.41 -8.75
N SER B 72 -6.23 -22.20 -7.68
CA SER B 72 -7.54 -22.74 -7.35
C SER B 72 -8.53 -21.64 -7.00
N ASP B 73 -8.06 -20.59 -6.31
CA ASP B 73 -8.96 -19.51 -5.95
C ASP B 73 -9.49 -18.79 -7.19
N SER B 74 -8.88 -19.01 -8.36
CA SER B 74 -9.30 -18.33 -9.58
C SER B 74 -10.65 -18.80 -10.10
N GLY B 75 -11.21 -19.88 -9.57
CA GLY B 75 -12.51 -20.37 -9.98
C GLY B 75 -12.51 -21.55 -10.91
N GLY B 76 -11.38 -21.84 -11.57
CA GLY B 76 -11.32 -23.04 -12.40
C GLY B 76 -12.04 -22.88 -13.73
N THR B 77 -12.32 -24.02 -14.36
CA THR B 77 -12.87 -24.06 -15.71
C THR B 77 -14.39 -24.09 -15.75
N CYS B 78 -15.06 -24.29 -14.62
CA CYS B 78 -16.49 -24.53 -14.62
C CYS B 78 -17.26 -23.26 -14.25
N SER B 79 -18.49 -23.18 -14.76
CA SER B 79 -19.31 -21.98 -14.70
C SER B 79 -20.59 -22.28 -13.92
N VAL B 80 -21.54 -21.34 -13.98
CA VAL B 80 -22.80 -21.48 -13.26
C VAL B 80 -23.51 -22.79 -13.58
N SER B 81 -23.16 -23.44 -14.70
CA SER B 81 -23.84 -24.67 -15.08
C SER B 81 -23.70 -25.75 -14.02
N ASP B 82 -22.72 -25.66 -13.14
CA ASP B 82 -22.51 -26.64 -12.08
C ASP B 82 -23.19 -26.25 -10.77
N CYS B 83 -23.88 -25.12 -10.73
CA CYS B 83 -24.66 -24.77 -9.55
C CYS B 83 -25.98 -25.52 -9.57
N ILE B 84 -26.23 -26.30 -8.51
CA ILE B 84 -27.45 -27.10 -8.41
C ILE B 84 -28.60 -26.18 -8.02
N PRO B 85 -29.85 -26.49 -8.39
CA PRO B 85 -30.98 -25.75 -7.85
C PRO B 85 -31.11 -25.97 -6.33
N LEU B 86 -31.41 -24.90 -5.61
CA LEU B 86 -31.53 -24.94 -4.16
C LEU B 86 -32.98 -24.79 -3.74
N CYS B 87 -33.24 -25.13 -2.48
CA CYS B 87 -34.58 -25.03 -1.92
C CYS B 87 -34.82 -23.63 -1.35
N SER B 88 -36.06 -23.40 -0.92
CA SER B 88 -36.41 -22.11 -0.33
C SER B 88 -35.87 -22.00 1.09
N ASN B 89 -35.83 -23.12 1.82
CA ASN B 89 -35.33 -23.15 3.19
C ASN B 89 -34.12 -24.07 3.28
N PRO B 90 -33.03 -23.63 3.94
CA PRO B 90 -31.83 -24.49 4.00
C PRO B 90 -32.06 -25.80 4.73
N ALA B 91 -32.98 -25.84 5.69
CA ALA B 91 -33.19 -27.07 6.46
C ALA B 91 -33.72 -28.21 5.62
N ILE B 92 -34.24 -27.93 4.42
CA ILE B 92 -34.74 -28.94 3.51
C ILE B 92 -33.75 -29.09 2.37
N GLU B 93 -33.25 -30.30 2.16
CA GLU B 93 -32.34 -30.55 1.06
C GLU B 93 -33.08 -30.43 -0.27
N PRO B 94 -32.42 -29.95 -1.33
CA PRO B 94 -33.14 -29.76 -2.60
C PRO B 94 -33.87 -30.99 -3.10
N SER B 95 -33.30 -32.19 -2.91
CA SER B 95 -33.96 -33.40 -3.39
C SER B 95 -35.35 -33.56 -2.78
N GLN B 96 -35.54 -33.17 -1.51
CA GLN B 96 -36.82 -33.28 -0.83
C GLN B 96 -37.59 -31.96 -0.84
N CYS B 97 -37.13 -30.97 -1.59
CA CYS B 97 -37.79 -29.67 -1.65
C CYS B 97 -39.07 -29.75 -2.49
N THR B 98 -40.11 -30.29 -1.86
CA THR B 98 -41.42 -30.45 -2.51
C THR B 98 -42.51 -30.30 -1.47
N GLY B 99 -43.30 -29.24 -1.58
CA GLY B 99 -44.39 -29.02 -0.66
C GLY B 99 -45.07 -27.68 -0.89
N PRO B 100 -46.06 -27.36 -0.05
CA PRO B 100 -46.77 -26.08 -0.20
C PRO B 100 -45.83 -24.91 0.03
N GLY B 101 -46.01 -23.86 -0.78
CA GLY B 101 -45.16 -22.69 -0.68
C GLY B 101 -43.68 -22.96 -0.77
N LEU B 102 -43.29 -24.15 -1.27
CA LEU B 102 -41.90 -24.53 -1.40
C LEU B 102 -41.58 -24.73 -2.87
N ARG B 103 -40.38 -24.32 -3.28
CA ARG B 103 -40.01 -24.30 -4.68
C ARG B 103 -38.49 -24.43 -4.79
N LEU B 104 -38.01 -24.51 -6.03
CA LEU B 104 -36.58 -24.58 -6.28
C LEU B 104 -36.11 -23.30 -6.97
N ILE B 105 -34.98 -22.78 -6.49
CA ILE B 105 -34.39 -21.55 -7.04
C ILE B 105 -33.43 -21.95 -8.15
N GLN B 106 -33.64 -21.37 -9.34
CA GLN B 106 -32.77 -21.67 -10.46
C GLN B 106 -31.44 -20.92 -10.31
N PRO B 107 -30.31 -21.59 -10.46
CA PRO B 107 -29.03 -20.93 -10.21
C PRO B 107 -28.79 -19.76 -11.15
N ASP B 108 -28.18 -18.71 -10.62
CA ASP B 108 -27.81 -17.52 -11.36
C ASP B 108 -26.31 -17.27 -11.18
N VAL B 109 -25.84 -16.12 -11.67
CA VAL B 109 -24.45 -15.75 -11.46
C VAL B 109 -24.14 -15.69 -9.97
N SER B 110 -25.09 -15.21 -9.16
CA SER B 110 -24.84 -15.03 -7.75
C SER B 110 -24.59 -16.35 -7.04
N CYS B 111 -24.88 -17.48 -7.69
CA CYS B 111 -24.53 -18.77 -7.10
C CYS B 111 -23.03 -18.91 -6.92
N LYS B 112 -22.24 -18.30 -7.81
CA LYS B 112 -20.79 -18.43 -7.73
C LYS B 112 -20.19 -17.77 -6.49
N PHE B 113 -20.89 -16.79 -5.91
CA PHE B 113 -20.35 -15.99 -4.82
C PHE B 113 -21.12 -16.28 -3.53
N ASN B 114 -20.79 -15.53 -2.49
CA ASN B 114 -21.38 -15.77 -1.19
C ASN B 114 -22.88 -15.49 -1.24
N PRO B 115 -23.75 -16.43 -0.81
CA PRO B 115 -23.43 -17.77 -0.32
C PRO B 115 -23.18 -18.75 -1.46
N VAL B 116 -22.01 -19.38 -1.46
CA VAL B 116 -21.56 -20.19 -2.59
C VAL B 116 -22.46 -21.42 -2.73
N ASN B 117 -22.80 -21.74 -3.97
CA ASN B 117 -23.58 -22.94 -4.23
C ASN B 117 -22.74 -24.18 -3.96
N PRO B 118 -23.32 -25.25 -3.39
CA PRO B 118 -22.50 -26.43 -3.08
C PRO B 118 -21.81 -27.05 -4.28
N GLY B 119 -22.49 -27.09 -5.43
CA GLY B 119 -21.89 -27.68 -6.62
C GLY B 119 -20.64 -26.94 -7.04
N TYR B 120 -20.68 -25.61 -7.01
CA TYR B 120 -19.48 -24.83 -7.33
C TYR B 120 -18.36 -25.11 -6.34
N ALA B 121 -18.68 -25.30 -5.06
CA ALA B 121 -17.65 -25.64 -4.10
C ALA B 121 -16.98 -26.97 -4.43
N ALA B 122 -17.79 -27.98 -4.76
CA ALA B 122 -17.20 -29.27 -5.14
C ALA B 122 -16.35 -29.14 -6.39
N CYS B 123 -16.83 -28.41 -7.40
CA CYS B 123 -16.05 -28.16 -8.60
C CYS B 123 -14.72 -27.51 -8.24
N VAL B 124 -14.76 -26.51 -7.35
CA VAL B 124 -13.55 -25.79 -6.98
C VAL B 124 -12.55 -26.71 -6.31
N GLU B 125 -13.02 -27.60 -5.42
CA GLU B 125 -12.09 -28.53 -4.78
C GLU B 125 -11.46 -29.47 -5.80
N GLU B 126 -12.27 -29.99 -6.72
CA GLU B 126 -11.73 -30.87 -7.75
C GLU B 126 -10.69 -30.13 -8.59
N ILE B 127 -10.97 -28.88 -8.94
CA ILE B 127 -10.02 -28.09 -9.71
C ILE B 127 -8.75 -27.83 -8.89
N ARG B 128 -8.88 -27.71 -7.57
CA ARG B 128 -7.69 -27.55 -6.73
C ARG B 128 -6.77 -28.75 -6.87
N LYS B 129 -7.33 -29.96 -6.76
CA LYS B 129 -6.52 -31.16 -6.94
C LYS B 129 -5.89 -31.19 -8.34
N ASP B 130 -6.71 -30.88 -9.35
CA ASP B 130 -6.23 -30.90 -10.72
C ASP B 130 -5.07 -29.94 -10.91
N LEU B 131 -5.16 -28.74 -10.35
CA LEU B 131 -4.11 -27.74 -10.48
C LEU B 131 -2.86 -28.14 -9.72
N ILE B 132 -2.99 -28.81 -8.58
CA ILE B 132 -1.80 -29.32 -7.90
C ILE B 132 -1.03 -30.24 -8.86
N VAL B 133 -1.74 -31.20 -9.45
CA VAL B 133 -1.06 -32.15 -10.33
C VAL B 133 -0.48 -31.42 -11.54
N ALA B 134 -1.21 -30.45 -12.07
CA ALA B 134 -0.74 -29.70 -13.24
C ALA B 134 0.56 -28.96 -12.93
N THR B 135 0.62 -28.30 -11.77
CA THR B 135 1.84 -27.59 -11.38
C THR B 135 3.01 -28.56 -11.28
N VAL B 136 2.80 -29.72 -10.64
CA VAL B 136 3.90 -30.66 -10.49
C VAL B 136 4.42 -31.08 -11.86
N ALA B 137 3.51 -31.46 -12.76
CA ALA B 137 3.93 -31.94 -14.07
C ALA B 137 4.66 -30.86 -14.86
N ALA B 138 4.13 -29.63 -14.83
CA ALA B 138 4.76 -28.56 -15.59
C ALA B 138 6.16 -28.27 -15.07
N SER B 139 6.33 -28.20 -13.75
CA SER B 139 7.66 -27.96 -13.20
C SER B 139 8.61 -29.07 -13.58
N LEU B 140 8.17 -30.33 -13.50
CA LEU B 140 9.04 -31.44 -13.85
C LEU B 140 9.52 -31.33 -15.29
N ILE B 141 8.59 -31.14 -16.23
CA ILE B 141 8.97 -31.09 -17.64
C ILE B 141 9.89 -29.91 -17.90
N GLY B 142 9.58 -28.74 -17.32
CA GLY B 142 10.44 -27.59 -17.53
C GLY B 142 11.84 -27.83 -17.04
N CYS B 143 11.98 -28.41 -15.84
CA CYS B 143 13.31 -28.71 -15.32
C CYS B 143 14.06 -29.67 -16.23
N VAL B 144 13.39 -30.71 -16.72
CA VAL B 144 14.07 -31.67 -17.58
C VAL B 144 14.56 -30.99 -18.85
N ILE B 145 13.71 -30.19 -19.49
CA ILE B 145 14.11 -29.54 -20.73
C ILE B 145 15.27 -28.59 -20.49
N MET B 146 15.18 -27.77 -19.43
CA MET B 146 16.27 -26.84 -19.14
C MET B 146 17.58 -27.60 -18.90
N GLY B 147 17.53 -28.68 -18.13
CA GLY B 147 18.73 -29.42 -17.83
C GLY B 147 19.34 -30.09 -19.04
N LEU B 148 18.52 -30.56 -19.97
CA LEU B 148 19.03 -31.31 -21.11
C LEU B 148 19.43 -30.42 -22.27
N MET B 149 18.50 -29.64 -22.81
CA MET B 149 18.80 -28.88 -24.03
C MET B 149 19.89 -27.84 -23.82
N ALA B 150 19.76 -26.97 -22.82
CA ALA B 150 20.74 -25.93 -22.58
C ALA B 150 21.89 -26.35 -21.68
N ASN B 151 21.74 -27.42 -20.92
CA ASN B 151 22.81 -27.96 -20.07
C ASN B 151 23.29 -26.91 -19.08
N LEU B 152 22.38 -26.49 -18.21
CA LEU B 152 22.70 -25.57 -17.13
C LEU B 152 22.03 -26.03 -15.84
N PRO B 153 22.61 -25.71 -14.68
CA PRO B 153 22.03 -26.10 -13.39
C PRO B 153 21.01 -25.11 -12.83
N LEU B 154 19.89 -24.94 -13.55
CA LEU B 154 18.82 -24.06 -13.13
C LEU B 154 17.53 -24.84 -12.93
N ALA B 155 16.60 -24.27 -12.17
CA ALA B 155 15.31 -24.89 -11.88
C ALA B 155 14.19 -24.00 -12.38
N LEU B 156 13.13 -24.62 -12.90
CA LEU B 156 12.00 -23.91 -13.48
C LEU B 156 10.71 -24.31 -12.78
N ALA B 157 9.79 -23.37 -12.66
CA ALA B 157 8.50 -23.64 -12.04
C ALA B 157 7.63 -22.40 -12.19
N PRO B 158 6.32 -22.51 -11.90
CA PRO B 158 5.44 -21.34 -12.03
C PRO B 158 5.89 -20.16 -11.19
N GLY B 159 5.82 -18.96 -11.77
CA GLY B 159 6.29 -17.77 -11.09
C GLY B 159 5.34 -17.25 -10.02
N MET B 160 5.90 -16.75 -8.93
CA MET B 160 5.08 -16.20 -7.85
C MET B 160 4.41 -14.89 -8.28
N GLY B 161 5.16 -14.02 -8.95
CA GLY B 161 4.63 -12.72 -9.31
C GLY B 161 3.44 -12.82 -10.25
N THR B 162 3.48 -13.78 -11.17
CA THR B 162 2.43 -13.90 -12.17
C THR B 162 1.26 -14.75 -11.71
N ASN B 163 1.47 -15.63 -10.72
CA ASN B 163 0.38 -16.41 -10.16
C ASN B 163 -0.79 -15.52 -9.77
N ALA B 164 -0.54 -14.55 -8.89
CA ALA B 164 -1.62 -13.71 -8.39
C ALA B 164 -2.19 -12.83 -9.50
N TYR B 165 -1.35 -12.35 -10.40
CA TYR B 165 -1.86 -11.52 -11.50
C TYR B 165 -2.85 -12.30 -12.34
N PHE B 166 -2.53 -13.58 -12.62
CA PHE B 166 -3.45 -14.42 -13.37
C PHE B 166 -4.72 -14.69 -12.56
N ALA B 167 -4.58 -15.06 -11.29
CA ALA B 167 -5.71 -15.58 -10.54
C ALA B 167 -6.69 -14.48 -10.12
N TYR B 168 -6.18 -13.31 -9.71
CA TYR B 168 -7.01 -12.30 -9.08
C TYR B 168 -7.30 -11.11 -9.96
N THR B 169 -6.58 -10.91 -11.06
CA THR B 169 -6.75 -9.74 -11.91
C THR B 169 -7.27 -10.09 -13.29
N VAL B 170 -6.60 -10.99 -14.00
CA VAL B 170 -7.04 -11.33 -15.36
C VAL B 170 -8.36 -12.08 -15.32
N VAL B 171 -8.45 -13.09 -14.47
CA VAL B 171 -9.66 -13.90 -14.36
C VAL B 171 -10.56 -13.41 -13.23
N GLY B 172 -9.98 -13.05 -12.10
CA GLY B 172 -10.78 -12.58 -10.97
C GLY B 172 -11.11 -13.70 -10.00
N PHE B 173 -11.70 -13.31 -8.88
CA PHE B 173 -12.09 -14.28 -7.86
C PHE B 173 -13.36 -15.01 -8.31
N HIS B 174 -13.26 -16.34 -8.44
CA HIS B 174 -14.36 -17.15 -8.92
C HIS B 174 -14.89 -16.66 -10.26
N GLY B 175 -13.95 -16.28 -11.14
CA GLY B 175 -14.30 -15.88 -12.49
C GLY B 175 -15.09 -14.59 -12.60
N SER B 176 -14.77 -13.60 -11.78
CA SER B 176 -15.44 -12.31 -11.81
C SER B 176 -14.72 -11.31 -12.71
N GLY B 177 -13.64 -11.70 -13.37
CA GLY B 177 -12.87 -10.80 -14.20
C GLY B 177 -13.46 -10.62 -15.59
N SER B 178 -12.74 -9.85 -16.40
CA SER B 178 -13.18 -9.53 -17.75
C SER B 178 -12.71 -10.55 -18.79
N ILE B 179 -11.93 -11.55 -18.39
CA ILE B 179 -11.40 -12.56 -19.30
C ILE B 179 -11.77 -13.93 -18.75
N SER B 180 -12.30 -14.78 -19.62
CA SER B 180 -12.60 -16.15 -19.22
C SER B 180 -11.32 -16.96 -19.06
N TYR B 181 -11.37 -17.92 -18.14
CA TYR B 181 -10.19 -18.71 -17.81
C TYR B 181 -9.55 -19.31 -19.04
N ARG B 182 -10.34 -19.92 -19.92
CA ARG B 182 -9.81 -20.56 -21.11
C ARG B 182 -9.12 -19.55 -22.02
N THR B 183 -9.71 -18.36 -22.19
CA THR B 183 -9.07 -17.33 -23.00
C THR B 183 -7.82 -16.81 -22.31
N ALA B 184 -7.77 -16.81 -20.98
CA ALA B 184 -6.53 -16.46 -20.30
C ALA B 184 -5.42 -17.45 -20.62
N LEU B 185 -5.74 -18.75 -20.60
CA LEU B 185 -4.73 -19.74 -20.98
C LEU B 185 -4.31 -19.54 -22.43
N ALA B 186 -5.25 -19.20 -23.30
CA ALA B 186 -4.88 -18.91 -24.69
C ALA B 186 -3.92 -17.72 -24.78
N ALA B 187 -4.18 -16.68 -23.98
CA ALA B 187 -3.28 -15.53 -23.97
C ALA B 187 -1.88 -15.94 -23.52
N VAL B 188 -1.79 -16.75 -22.48
CA VAL B 188 -0.49 -17.21 -22.02
C VAL B 188 0.22 -18.00 -23.12
N PHE B 189 -0.53 -18.87 -23.81
CA PHE B 189 0.05 -19.65 -24.90
C PHE B 189 0.63 -18.75 -25.99
N ILE B 190 -0.17 -17.79 -26.46
CA ILE B 190 0.31 -16.89 -27.51
C ILE B 190 1.52 -16.10 -27.04
N GLU B 191 1.50 -15.64 -25.79
CA GLU B 191 2.65 -14.91 -25.25
C GLU B 191 3.91 -15.76 -25.28
N GLY B 192 3.80 -17.02 -24.85
CA GLY B 192 4.96 -17.90 -24.90
C GLY B 192 5.48 -18.08 -26.30
N LEU B 193 4.57 -18.27 -27.26
CA LEU B 193 5.00 -18.44 -28.65
C LEU B 193 5.75 -17.20 -29.15
N ILE B 194 5.21 -16.01 -28.86
CA ILE B 194 5.87 -14.78 -29.29
C ILE B 194 7.23 -14.63 -28.63
N PHE B 195 7.32 -15.00 -27.35
CA PHE B 195 8.60 -14.93 -26.67
C PHE B 195 9.62 -15.83 -27.33
N LEU B 196 9.22 -17.05 -27.68
CA LEU B 196 10.14 -17.95 -28.38
C LEU B 196 10.59 -17.33 -29.70
N PHE B 197 9.66 -16.75 -30.45
CA PHE B 197 10.01 -16.12 -31.71
C PHE B 197 11.07 -15.03 -31.51
N ILE B 198 10.79 -14.08 -30.61
CA ILE B 198 11.69 -12.94 -30.45
C ILE B 198 13.04 -13.39 -29.90
N SER B 199 13.05 -14.36 -28.98
CA SER B 199 14.32 -14.87 -28.49
C SER B 199 15.11 -15.52 -29.62
N ALA B 200 14.43 -16.24 -30.52
CA ALA B 200 15.10 -16.84 -31.65
C ALA B 200 15.73 -15.80 -32.58
N ILE B 201 15.02 -14.71 -32.88
CA ILE B 201 15.53 -13.73 -33.85
C ILE B 201 16.34 -12.62 -33.19
N GLY B 202 16.43 -12.61 -31.87
CA GLY B 202 17.37 -11.71 -31.20
C GLY B 202 16.95 -10.26 -31.10
N PHE B 203 15.67 -9.95 -31.20
CA PHE B 203 15.16 -8.63 -30.89
C PHE B 203 14.98 -8.42 -29.40
N ARG B 204 15.23 -9.44 -28.59
CA ARG B 204 14.95 -9.38 -27.16
C ARG B 204 15.59 -8.16 -26.50
N ALA B 205 16.84 -7.84 -26.86
CA ALA B 205 17.51 -6.70 -26.24
C ALA B 205 16.80 -5.39 -26.57
N LYS B 206 16.33 -5.23 -27.81
CA LYS B 206 15.67 -3.99 -28.18
C LYS B 206 14.39 -3.78 -27.38
N LEU B 207 13.53 -4.79 -27.33
CA LEU B 207 12.33 -4.68 -26.51
C LEU B 207 12.69 -4.43 -25.05
N ALA B 208 13.66 -5.16 -24.51
CA ALA B 208 14.07 -4.94 -23.13
C ALA B 208 14.50 -3.49 -22.90
N LYS B 209 15.12 -2.87 -23.91
CA LYS B 209 15.49 -1.48 -23.80
C LYS B 209 14.32 -0.54 -24.07
N LEU B 210 13.20 -1.06 -24.56
CA LEU B 210 12.03 -0.20 -24.79
C LEU B 210 11.56 0.45 -23.49
N VAL B 211 11.48 -0.32 -22.41
CA VAL B 211 10.92 0.21 -21.16
C VAL B 211 11.92 1.18 -20.53
N PRO B 212 11.46 2.24 -19.86
CA PRO B 212 12.39 3.11 -19.15
C PRO B 212 13.02 2.40 -17.97
N LYS B 213 14.17 2.91 -17.53
CA LYS B 213 14.89 2.28 -16.42
C LYS B 213 14.10 2.28 -15.12
N PRO B 214 13.61 3.42 -14.61
CA PRO B 214 12.97 3.40 -13.28
C PRO B 214 11.77 2.47 -13.21
N VAL B 215 10.96 2.40 -14.26
CA VAL B 215 9.82 1.50 -14.25
C VAL B 215 10.29 0.06 -14.16
N ARG B 216 11.31 -0.29 -14.94
CA ARG B 216 11.86 -1.64 -14.88
C ARG B 216 12.38 -1.96 -13.49
N ILE B 217 13.04 -1.00 -12.86
CA ILE B 217 13.61 -1.24 -11.54
C ILE B 217 12.52 -1.41 -10.49
N SER B 218 11.48 -0.59 -10.54
CA SER B 218 10.48 -0.54 -9.47
C SER B 218 9.30 -1.48 -9.68
N SER B 219 9.16 -2.10 -10.86
CA SER B 219 8.06 -3.03 -11.06
C SER B 219 8.17 -4.22 -10.11
N SER B 220 9.39 -4.68 -9.84
CA SER B 220 9.56 -5.80 -8.92
C SER B 220 9.13 -5.44 -7.51
N ALA B 221 9.48 -4.25 -7.05
CA ALA B 221 9.03 -3.81 -5.73
C ALA B 221 7.52 -3.68 -5.69
N GLY B 222 6.92 -3.15 -6.76
CA GLY B 222 5.47 -3.09 -6.83
C GLY B 222 4.83 -4.46 -6.71
N ILE B 223 5.37 -5.45 -7.43
CA ILE B 223 4.82 -6.80 -7.36
C ILE B 223 5.00 -7.37 -5.96
N GLY B 224 6.14 -7.09 -5.32
CA GLY B 224 6.34 -7.54 -3.96
C GLY B 224 5.30 -6.98 -3.01
N LEU B 225 5.03 -5.67 -3.12
CA LEU B 225 4.00 -5.06 -2.30
C LEU B 225 2.63 -5.67 -2.59
N PHE B 226 2.37 -5.98 -3.87
CA PHE B 226 1.10 -6.59 -4.23
C PHE B 226 0.94 -7.95 -3.56
N LEU B 227 1.99 -8.78 -3.60
CA LEU B 227 1.95 -10.08 -2.94
C LEU B 227 1.78 -9.92 -1.43
N ALA B 228 2.47 -8.95 -0.84
CA ALA B 228 2.33 -8.73 0.60
C ALA B 228 0.90 -8.34 0.96
N PHE B 229 0.29 -7.48 0.15
CA PHE B 229 -1.11 -7.12 0.38
C PHE B 229 -2.01 -8.33 0.27
N ILE B 230 -1.79 -9.16 -0.75
CA ILE B 230 -2.59 -10.38 -0.91
C ILE B 230 -2.46 -11.26 0.32
N GLY B 231 -1.25 -11.36 0.88
CA GLY B 231 -1.04 -12.19 2.05
C GLY B 231 -1.72 -11.69 3.30
N LEU B 232 -2.15 -10.43 3.31
CA LEU B 232 -2.80 -9.81 4.46
C LEU B 232 -4.31 -9.76 4.33
N GLN B 233 -4.89 -10.42 3.33
CA GLN B 233 -6.33 -10.41 3.13
C GLN B 233 -6.95 -11.57 3.91
N ASN B 234 -8.22 -11.87 3.65
CA ASN B 234 -8.96 -12.87 4.40
C ASN B 234 -9.00 -14.21 3.68
N ASN B 235 -9.56 -14.25 2.47
CA ASN B 235 -9.65 -15.51 1.74
C ASN B 235 -8.34 -15.86 1.05
N GLN B 236 -7.27 -15.09 1.26
CA GLN B 236 -5.95 -15.43 0.75
C GLN B 236 -4.91 -15.69 1.83
N GLY B 237 -5.07 -15.14 3.04
CA GLY B 237 -4.03 -15.23 4.04
C GLY B 237 -4.53 -15.24 5.48
N ILE B 238 -3.85 -14.47 6.33
CA ILE B 238 -4.10 -14.50 7.78
C ILE B 238 -5.07 -13.42 8.22
N GLY B 239 -5.83 -12.82 7.31
CA GLY B 239 -6.69 -11.72 7.69
C GLY B 239 -5.87 -10.49 8.06
N LEU B 240 -6.29 -9.82 9.13
CA LEU B 240 -5.66 -8.64 9.71
C LEU B 240 -5.93 -7.38 8.90
N VAL B 241 -6.60 -7.47 7.74
CA VAL B 241 -7.01 -6.31 6.98
C VAL B 241 -8.47 -6.51 6.61
N GLY B 242 -9.32 -5.53 6.92
CA GLY B 242 -10.74 -5.66 6.67
C GLY B 242 -11.39 -4.37 6.22
N TYR B 243 -12.67 -4.45 5.88
CA TYR B 243 -13.40 -3.30 5.37
C TYR B 243 -13.78 -2.34 6.49
N SER B 244 -13.82 -1.06 6.16
CA SER B 244 -14.27 -0.02 7.07
C SER B 244 -15.11 0.99 6.30
N PRO B 245 -16.25 1.42 6.84
CA PRO B 245 -17.13 2.29 6.06
C PRO B 245 -16.49 3.63 5.69
N SER B 246 -15.53 4.11 6.47
CA SER B 246 -14.95 5.42 6.23
C SER B 246 -13.59 5.34 5.52
N THR B 247 -12.63 4.61 6.07
CA THR B 247 -11.30 4.52 5.50
C THR B 247 -11.15 3.40 4.49
N LEU B 248 -12.13 2.49 4.38
CA LEU B 248 -12.15 1.44 3.38
C LEU B 248 -11.15 0.32 3.67
N VAL B 249 -10.29 0.51 4.68
CA VAL B 249 -9.35 -0.53 5.12
C VAL B 249 -8.97 -0.24 6.56
N THR B 250 -9.13 -1.24 7.43
CA THR B 250 -8.74 -1.12 8.82
C THR B 250 -8.34 -2.49 9.35
N LEU B 251 -8.25 -2.60 10.67
CA LEU B 251 -7.61 -3.75 11.32
C LEU B 251 -8.62 -4.86 11.54
N ALA B 252 -8.48 -5.94 10.77
CA ALA B 252 -9.28 -7.15 10.87
C ALA B 252 -8.67 -8.11 11.88
N ALA B 253 -8.98 -9.41 11.73
CA ALA B 253 -8.54 -10.46 12.65
C ALA B 253 -9.45 -10.55 13.87
N CYS B 254 -10.73 -10.27 13.67
CA CYS B 254 -11.75 -10.66 14.61
C CYS B 254 -12.19 -12.09 14.34
N PRO B 255 -12.83 -12.75 15.30
CA PRO B 255 -13.26 -14.14 15.08
C PRO B 255 -14.23 -14.24 13.91
N ALA B 256 -14.17 -15.38 13.23
CA ALA B 256 -15.01 -15.59 12.05
C ALA B 256 -16.50 -15.47 12.38
N SER B 257 -16.90 -15.79 13.61
CA SER B 257 -18.31 -15.71 13.97
C SER B 257 -18.82 -14.28 14.05
N SER B 258 -17.93 -13.29 14.07
CA SER B 258 -18.32 -11.89 14.17
C SER B 258 -18.03 -11.12 12.89
N ARG B 259 -18.06 -11.79 11.74
CA ARG B 259 -17.84 -11.16 10.45
C ARG B 259 -19.13 -11.18 9.65
N ILE B 260 -19.44 -10.05 9.00
CA ILE B 260 -20.67 -9.90 8.22
C ILE B 260 -20.32 -9.40 6.83
N SER B 261 -21.32 -9.42 5.96
CA SER B 261 -21.14 -9.06 4.56
C SER B 261 -21.71 -7.67 4.28
N LEU B 262 -21.50 -7.19 3.06
CA LEU B 262 -21.96 -5.88 2.62
C LEU B 262 -22.78 -6.04 1.34
N ALA B 263 -23.71 -5.12 1.14
CA ALA B 263 -24.53 -5.09 -0.07
C ALA B 263 -24.75 -3.65 -0.49
N PRO B 264 -24.95 -3.39 -1.78
CA PRO B 264 -25.23 -2.02 -2.23
C PRO B 264 -26.68 -1.64 -1.96
N VAL B 265 -26.90 -0.36 -1.66
CA VAL B 265 -28.22 0.16 -1.30
C VAL B 265 -28.44 1.48 -2.03
N ILE B 266 -29.67 1.97 -1.97
CA ILE B 266 -30.08 3.23 -2.58
C ILE B 266 -30.41 4.21 -1.47
N THR B 267 -29.54 5.20 -1.27
CA THR B 267 -29.74 6.21 -0.24
C THR B 267 -30.85 7.16 -0.67
N SER B 268 -31.11 8.17 0.15
CA SER B 268 -32.11 9.19 -0.15
C SER B 268 -31.74 10.44 0.64
N ALA B 269 -32.65 11.42 0.67
CA ALA B 269 -32.41 12.70 1.32
C ALA B 269 -33.15 12.83 2.65
N ASN B 270 -33.59 11.73 3.24
CA ASN B 270 -34.25 11.73 4.54
C ASN B 270 -33.71 10.69 5.49
N GLY B 271 -33.07 9.64 5.00
CA GLY B 271 -32.46 8.63 5.86
C GLY B 271 -32.90 7.22 5.56
N THR B 272 -33.78 7.04 4.59
CA THR B 272 -34.25 5.71 4.24
C THR B 272 -33.22 5.01 3.36
N VAL B 273 -33.27 3.67 3.36
CA VAL B 273 -32.33 2.85 2.60
C VAL B 273 -33.04 1.57 2.20
N SER B 274 -32.70 1.05 1.02
CA SER B 274 -33.22 -0.23 0.56
C SER B 274 -32.14 -0.93 -0.26
N LEU B 275 -32.28 -2.24 -0.37
CA LEU B 275 -31.28 -3.03 -1.08
C LEU B 275 -31.47 -2.88 -2.59
N LEU B 276 -30.36 -2.77 -3.31
CA LEU B 276 -30.37 -2.60 -4.75
C LEU B 276 -30.47 -3.98 -5.41
N ALA B 277 -31.55 -4.20 -6.15
CA ALA B 277 -31.74 -5.47 -6.84
C ALA B 277 -30.55 -5.75 -7.75
N GLY B 278 -29.99 -6.95 -7.63
CA GLY B 278 -28.79 -7.30 -8.37
C GLY B 278 -27.49 -6.96 -7.70
N GLY B 279 -27.50 -6.67 -6.40
CA GLY B 279 -26.26 -6.36 -5.71
C GLY B 279 -25.36 -7.57 -5.62
N SER B 280 -24.07 -7.35 -5.93
CA SER B 280 -23.07 -8.41 -5.87
C SER B 280 -22.56 -8.49 -4.44
N VAL B 281 -23.18 -9.36 -3.63
CA VAL B 281 -22.82 -9.46 -2.22
C VAL B 281 -21.35 -9.85 -2.09
N SER B 282 -20.70 -9.29 -1.08
CA SER B 282 -19.31 -9.59 -0.77
C SER B 282 -19.23 -10.67 0.31
N GLY B 283 -18.04 -11.20 0.51
CA GLY B 283 -17.81 -12.16 1.56
C GLY B 283 -17.76 -11.51 2.92
N ASP B 284 -17.46 -12.33 3.93
CA ASP B 284 -17.38 -11.84 5.30
C ASP B 284 -16.13 -10.99 5.48
N ILE B 285 -16.26 -9.68 5.34
CA ILE B 285 -15.11 -8.79 5.38
C ILE B 285 -15.19 -7.76 6.49
N MET B 286 -16.35 -7.54 7.09
CA MET B 286 -16.52 -6.51 8.12
C MET B 286 -16.56 -7.16 9.49
N CYS B 287 -15.82 -6.60 10.43
CA CYS B 287 -15.78 -7.08 11.80
C CYS B 287 -16.65 -6.19 12.68
N ILE B 288 -17.50 -6.82 13.50
CA ILE B 288 -18.41 -6.06 14.35
C ILE B 288 -17.91 -5.94 15.78
N HIS B 289 -17.12 -6.89 16.26
CA HIS B 289 -16.50 -6.79 17.59
C HIS B 289 -15.45 -7.89 17.72
N GLY B 290 -14.56 -7.72 18.69
CA GLY B 290 -13.55 -8.72 18.97
C GLY B 290 -12.31 -8.63 18.11
N ARG B 291 -11.78 -7.41 17.92
CA ARG B 291 -10.61 -7.25 17.07
C ARG B 291 -9.38 -7.86 17.72
N MET B 292 -8.47 -8.39 16.88
CA MET B 292 -7.24 -9.02 17.34
C MET B 292 -7.53 -10.19 18.28
N GLU B 293 -8.46 -11.05 17.91
CA GLU B 293 -8.81 -12.21 18.72
C GLU B 293 -9.01 -13.48 17.89
N SER B 294 -8.62 -13.48 16.63
CA SER B 294 -8.79 -14.67 15.81
C SER B 294 -7.66 -15.65 16.06
N PRO B 295 -7.96 -16.88 16.49
CA PRO B 295 -6.86 -17.85 16.69
C PRO B 295 -6.08 -18.16 15.42
N THR B 296 -6.75 -18.19 14.26
CA THR B 296 -6.05 -18.44 13.01
C THR B 296 -4.98 -17.38 12.75
N PHE B 297 -5.29 -16.12 13.06
CA PHE B 297 -4.30 -15.06 12.88
C PHE B 297 -3.07 -15.30 13.72
N TRP B 298 -3.25 -15.72 14.98
CA TRP B 298 -2.11 -15.93 15.85
C TRP B 298 -1.30 -17.16 15.44
N LEU B 299 -1.98 -18.21 14.96
CA LEU B 299 -1.26 -19.35 14.42
C LEU B 299 -0.43 -18.95 13.21
N GLY B 300 -1.01 -18.13 12.33
CA GLY B 300 -0.25 -17.62 11.20
C GLY B 300 0.93 -16.77 11.64
N ILE B 301 0.76 -15.98 12.70
CA ILE B 301 1.87 -15.20 13.22
C ILE B 301 2.99 -16.11 13.73
N VAL B 302 2.62 -17.20 14.40
CA VAL B 302 3.62 -18.15 14.88
C VAL B 302 4.39 -18.73 13.69
N GLY B 303 3.67 -19.15 12.65
CA GLY B 303 4.35 -19.64 11.46
C GLY B 303 5.26 -18.60 10.83
N PHE B 304 4.79 -17.35 10.79
CA PHE B 304 5.60 -16.26 10.24
C PHE B 304 6.90 -16.11 11.01
N VAL B 305 6.83 -16.13 12.35
CA VAL B 305 8.02 -15.97 13.16
C VAL B 305 8.97 -17.14 12.95
N ILE B 306 8.43 -18.36 12.84
CA ILE B 306 9.27 -19.52 12.61
C ILE B 306 10.02 -19.39 11.29
N ILE B 307 9.32 -18.99 10.23
CA ILE B 307 9.97 -18.83 8.94
C ILE B 307 11.01 -17.72 9.00
N ALA B 308 10.71 -16.64 9.72
CA ALA B 308 11.66 -15.54 9.84
C ALA B 308 12.95 -15.99 10.53
N TYR B 309 12.84 -16.73 11.64
CA TYR B 309 14.04 -17.26 12.27
C TYR B 309 14.80 -18.19 11.32
N CYS B 310 14.10 -19.11 10.66
CA CYS B 310 14.80 -20.04 9.80
C CYS B 310 15.51 -19.33 8.66
N LEU B 311 14.98 -18.18 8.24
CA LEU B 311 15.66 -17.39 7.22
C LEU B 311 16.87 -16.66 7.80
N VAL B 312 16.71 -16.06 8.99
CA VAL B 312 17.79 -15.25 9.55
C VAL B 312 19.01 -16.10 9.83
N LYS B 313 18.81 -17.29 10.41
CA LYS B 313 19.90 -18.21 10.66
C LYS B 313 20.45 -18.85 9.40
N ASN B 314 19.93 -18.48 8.23
CA ASN B 314 20.43 -19.00 6.95
C ASN B 314 20.27 -20.51 6.87
N VAL B 315 19.12 -21.01 7.31
CA VAL B 315 18.79 -22.42 7.22
C VAL B 315 17.90 -22.61 6.00
N LYS B 316 18.30 -23.53 5.12
CA LYS B 316 17.53 -23.76 3.90
C LYS B 316 16.22 -24.48 4.21
N GLY B 317 15.19 -24.14 3.46
CA GLY B 317 13.89 -24.76 3.64
C GLY B 317 13.03 -24.16 4.72
N ALA B 318 13.23 -22.87 5.04
CA ALA B 318 12.48 -22.23 6.11
C ALA B 318 10.97 -22.27 5.83
N MET B 319 10.58 -21.84 4.63
CA MET B 319 9.16 -21.68 4.34
C MET B 319 8.43 -23.02 4.41
N ILE B 320 9.09 -24.09 3.98
CA ILE B 320 8.50 -25.43 4.11
C ILE B 320 8.26 -25.76 5.56
N TYR B 321 9.23 -25.47 6.44
CA TYR B 321 9.06 -25.79 7.84
C TYR B 321 7.88 -25.03 8.43
N GLY B 322 7.77 -23.73 8.13
CA GLY B 322 6.65 -22.96 8.66
C GLY B 322 5.31 -23.46 8.14
N ILE B 323 5.22 -23.70 6.83
CA ILE B 323 3.98 -24.19 6.25
C ILE B 323 3.61 -25.53 6.88
N VAL B 324 4.59 -26.42 7.04
CA VAL B 324 4.30 -27.75 7.57
C VAL B 324 3.84 -27.66 9.02
N PHE B 325 4.47 -26.79 9.81
CA PHE B 325 4.04 -26.65 11.19
C PHE B 325 2.59 -26.16 11.27
N VAL B 326 2.28 -25.11 10.52
CA VAL B 326 0.91 -24.57 10.57
C VAL B 326 -0.09 -25.62 10.09
N THR B 327 0.23 -26.30 8.99
CA THR B 327 -0.68 -27.31 8.45
C THR B 327 -0.88 -28.47 9.42
N ALA B 328 0.21 -28.92 10.06
CA ALA B 328 0.09 -30.02 11.01
C ALA B 328 -0.78 -29.62 12.20
N VAL B 329 -0.61 -28.39 12.70
CA VAL B 329 -1.49 -27.95 13.78
C VAL B 329 -2.93 -27.85 13.30
N SER B 330 -3.13 -27.47 12.04
CA SER B 330 -4.48 -27.24 11.51
C SER B 330 -5.20 -28.53 11.12
N TRP B 331 -4.58 -29.70 11.29
CA TRP B 331 -5.22 -30.94 10.90
C TRP B 331 -6.11 -31.53 11.98
N PHE B 332 -6.10 -30.99 13.19
CA PHE B 332 -6.97 -31.51 14.24
C PHE B 332 -8.41 -31.11 13.97
N ARG B 333 -9.34 -31.91 14.49
CA ARG B 333 -10.71 -31.93 13.98
C ARG B 333 -11.69 -31.04 14.74
N ASN B 334 -11.44 -30.75 16.02
CA ASN B 334 -12.40 -30.02 16.85
C ASN B 334 -11.74 -28.80 17.48
N THR B 335 -11.07 -27.99 16.66
CA THR B 335 -10.45 -26.76 17.09
C THR B 335 -11.02 -25.59 16.32
N GLU B 336 -10.74 -24.38 16.80
CA GLU B 336 -11.13 -23.17 16.08
C GLU B 336 -10.30 -22.93 14.84
N VAL B 337 -9.11 -23.50 14.75
CA VAL B 337 -8.23 -23.34 13.61
C VAL B 337 -8.17 -24.63 12.78
N THR B 338 -9.19 -25.46 12.88
CA THR B 338 -9.21 -26.73 12.16
C THR B 338 -9.35 -26.50 10.66
N ALA B 339 -8.60 -27.28 9.88
CA ALA B 339 -8.72 -27.24 8.43
C ALA B 339 -9.90 -28.06 7.94
N PHE B 340 -10.58 -28.78 8.82
CA PHE B 340 -11.75 -29.59 8.48
C PHE B 340 -12.90 -29.17 9.39
N PRO B 341 -13.72 -28.22 8.98
CA PRO B 341 -14.84 -27.82 9.81
C PRO B 341 -16.05 -28.72 9.60
N ASN B 342 -16.84 -28.85 10.67
CA ASN B 342 -17.88 -29.88 10.72
C ASN B 342 -19.05 -29.55 9.80
N THR B 343 -18.90 -29.83 8.50
CA THR B 343 -19.97 -29.69 7.54
C THR B 343 -19.81 -30.77 6.48
N SER B 344 -20.57 -30.65 5.39
CA SER B 344 -20.48 -31.63 4.31
C SER B 344 -19.13 -31.53 3.60
N ALA B 345 -18.76 -30.31 3.18
CA ALA B 345 -17.49 -30.13 2.50
C ALA B 345 -16.32 -30.49 3.40
N GLY B 346 -16.39 -30.11 4.67
CA GLY B 346 -15.34 -30.50 5.61
C GLY B 346 -15.21 -32.01 5.74
N ASP B 347 -16.33 -32.71 5.81
CA ASP B 347 -16.28 -34.16 5.92
C ASP B 347 -15.70 -34.79 4.66
N ALA B 348 -16.07 -34.26 3.49
CA ALA B 348 -15.49 -34.78 2.25
C ALA B 348 -13.99 -34.54 2.19
N ALA B 349 -13.55 -33.34 2.60
CA ALA B 349 -12.13 -33.03 2.60
C ALA B 349 -11.38 -33.94 3.56
N HIS B 350 -11.95 -34.19 4.75
CA HIS B 350 -11.32 -35.11 5.69
C HIS B 350 -11.26 -36.52 5.11
N ASP B 351 -12.33 -36.95 4.43
CA ASP B 351 -12.30 -38.25 3.78
C ASP B 351 -11.14 -38.35 2.80
N TYR B 352 -11.00 -37.35 1.93
CA TYR B 352 -9.90 -37.37 0.98
C TYR B 352 -8.55 -37.37 1.68
N PHE B 353 -8.39 -36.53 2.71
CA PHE B 353 -7.11 -36.43 3.41
C PHE B 353 -6.80 -37.71 4.18
N LYS B 354 -7.81 -38.54 4.46
CA LYS B 354 -7.57 -39.76 5.20
C LYS B 354 -6.65 -40.70 4.44
N LYS B 355 -6.85 -40.84 3.13
CA LYS B 355 -5.94 -41.63 2.30
C LYS B 355 -4.69 -40.80 2.03
N ILE B 356 -3.54 -41.31 2.47
CA ILE B 356 -2.31 -40.52 2.44
C ILE B 356 -1.86 -40.28 1.01
N VAL B 357 -1.83 -41.34 0.20
CA VAL B 357 -1.26 -41.27 -1.14
C VAL B 357 -2.33 -41.62 -2.16
N ASP B 358 -2.32 -40.88 -3.27
CA ASP B 358 -3.25 -41.11 -4.36
C ASP B 358 -2.60 -40.66 -5.66
N VAL B 359 -3.10 -41.20 -6.77
CA VAL B 359 -2.66 -40.80 -8.10
C VAL B 359 -3.84 -40.09 -8.76
N HIS B 360 -3.87 -38.77 -8.63
CA HIS B 360 -4.89 -37.96 -9.25
C HIS B 360 -4.52 -37.71 -10.70
N VAL B 361 -5.53 -37.64 -11.56
CA VAL B 361 -5.33 -37.52 -13.01
C VAL B 361 -6.05 -36.27 -13.49
N ILE B 362 -5.36 -35.48 -14.31
CA ILE B 362 -5.90 -34.25 -14.88
C ILE B 362 -7.16 -34.62 -15.66
N LYS B 363 -8.25 -33.87 -15.45
CA LYS B 363 -9.51 -34.15 -16.15
C LYS B 363 -10.09 -32.95 -16.86
N HIS B 364 -9.98 -31.75 -16.30
CA HIS B 364 -10.62 -30.58 -16.89
C HIS B 364 -9.64 -29.57 -17.45
N THR B 365 -8.58 -29.24 -16.71
CA THR B 365 -7.65 -28.21 -17.12
C THR B 365 -6.76 -28.61 -18.30
N ALA B 366 -6.77 -29.89 -18.70
CA ALA B 366 -5.98 -30.32 -19.84
C ALA B 366 -6.61 -29.84 -21.13
N GLY B 367 -5.82 -29.18 -21.97
CA GLY B 367 -6.30 -28.74 -23.27
C GLY B 367 -7.52 -27.84 -23.19
N ALA B 368 -7.54 -26.90 -22.25
CA ALA B 368 -8.69 -26.04 -22.02
C ALA B 368 -8.57 -24.69 -22.70
N LEU B 369 -7.87 -24.62 -23.83
CA LEU B 369 -7.69 -23.36 -24.52
C LEU B 369 -8.97 -22.96 -25.27
N SER B 370 -9.10 -21.66 -25.52
CA SER B 370 -10.18 -21.12 -26.32
C SER B 370 -9.76 -19.76 -26.84
N PHE B 371 -9.89 -19.55 -28.16
CA PHE B 371 -9.47 -18.31 -28.81
C PHE B 371 -10.64 -17.41 -29.13
N SER B 372 -11.73 -17.52 -28.36
CA SER B 372 -12.94 -16.75 -28.65
C SER B 372 -12.73 -15.26 -28.42
N GLY B 373 -12.05 -14.88 -27.35
CA GLY B 373 -11.96 -13.50 -26.92
C GLY B 373 -10.79 -12.71 -27.47
N ILE B 374 -10.17 -13.15 -28.56
CA ILE B 374 -9.01 -12.45 -29.10
C ILE B 374 -9.36 -11.01 -29.45
N ASN B 375 -10.65 -10.69 -29.58
CA ASN B 375 -11.08 -9.34 -29.91
C ASN B 375 -10.93 -8.38 -28.74
N LYS B 376 -11.21 -8.81 -27.52
CA LYS B 376 -11.24 -7.91 -26.38
C LYS B 376 -9.89 -7.25 -26.16
N GLY B 377 -9.93 -5.98 -25.76
CA GLY B 377 -8.70 -5.27 -25.44
C GLY B 377 -8.00 -5.81 -24.21
N HIS B 378 -8.76 -6.22 -23.19
CA HIS B 378 -8.15 -6.76 -21.99
C HIS B 378 -7.34 -8.01 -22.31
N PHE B 379 -7.75 -8.77 -23.33
CA PHE B 379 -6.95 -9.89 -23.78
C PHE B 379 -5.53 -9.46 -24.13
N TRP B 380 -5.41 -8.43 -24.97
CA TRP B 380 -4.09 -7.97 -25.38
C TRP B 380 -3.35 -7.31 -24.22
N GLU B 381 -4.07 -6.61 -23.34
CA GLU B 381 -3.43 -6.05 -22.15
C GLU B 381 -2.76 -7.15 -21.34
N ALA B 382 -3.50 -8.22 -21.04
CA ALA B 382 -2.93 -9.33 -20.27
C ALA B 382 -1.78 -9.97 -21.02
N LEU B 383 -1.92 -10.17 -22.33
CA LEU B 383 -0.84 -10.78 -23.10
C LEU B 383 0.43 -9.95 -23.02
N VAL B 384 0.32 -8.64 -23.21
CA VAL B 384 1.50 -7.78 -23.21
C VAL B 384 2.12 -7.71 -21.83
N THR B 385 1.30 -7.68 -20.78
CA THR B 385 1.85 -7.69 -19.43
C THR B 385 2.63 -8.97 -19.17
N PHE B 386 2.04 -10.12 -19.54
CA PHE B 386 2.77 -11.38 -19.44
C PHE B 386 4.10 -11.28 -20.18
N LEU B 387 4.06 -10.79 -21.42
CA LEU B 387 5.25 -10.80 -22.27
C LEU B 387 6.36 -9.95 -21.66
N TYR B 388 6.03 -8.75 -21.20
CA TYR B 388 7.07 -7.88 -20.66
C TYR B 388 7.61 -8.41 -19.34
N VAL B 389 6.73 -8.85 -18.44
CA VAL B 389 7.23 -9.38 -17.17
C VAL B 389 8.16 -10.55 -17.43
N ASP B 390 7.75 -11.47 -18.32
CA ASP B 390 8.58 -12.63 -18.59
C ASP B 390 9.91 -12.23 -19.20
N ILE B 391 9.88 -11.37 -20.23
CA ILE B 391 11.13 -10.94 -20.86
C ILE B 391 12.09 -10.41 -19.79
N LEU B 392 11.65 -9.39 -19.06
CA LEU B 392 12.56 -8.72 -18.12
C LEU B 392 13.06 -9.68 -17.06
N ASP B 393 12.14 -10.37 -16.38
CA ASP B 393 12.57 -11.23 -15.27
C ASP B 393 13.48 -12.34 -15.76
N THR B 394 13.09 -13.01 -16.85
CA THR B 394 13.90 -14.11 -17.35
C THR B 394 15.30 -13.63 -17.71
N THR B 395 15.41 -12.57 -18.50
CA THR B 395 16.73 -12.09 -18.89
C THR B 395 17.56 -11.76 -17.66
N GLY B 396 17.01 -10.96 -16.75
CA GLY B 396 17.78 -10.53 -15.60
C GLY B 396 18.24 -11.68 -14.74
N THR B 397 17.32 -12.59 -14.40
CA THR B 397 17.67 -13.69 -13.50
C THR B 397 18.64 -14.65 -14.16
N LEU B 398 18.46 -14.92 -15.46
CA LEU B 398 19.36 -15.82 -16.15
C LEU B 398 20.78 -15.26 -16.17
N TYR B 399 20.93 -13.97 -16.51
CA TYR B 399 22.26 -13.39 -16.51
C TYR B 399 22.85 -13.35 -15.11
N SER B 400 22.04 -13.05 -14.10
CA SER B 400 22.55 -13.04 -12.73
C SER B 400 23.06 -14.42 -12.33
N MET B 401 22.32 -15.47 -12.67
CA MET B 401 22.74 -16.82 -12.27
C MET B 401 23.97 -17.25 -13.04
N ALA B 402 24.06 -16.87 -14.33
CA ALA B 402 25.28 -17.14 -15.08
C ALA B 402 26.48 -16.47 -14.44
N ARG B 403 26.31 -15.22 -14.00
CA ARG B 403 27.37 -14.54 -13.25
C ARG B 403 27.73 -15.32 -12.00
N PHE B 404 26.71 -15.76 -11.24
CA PHE B 404 26.97 -16.43 -9.97
C PHE B 404 27.76 -17.72 -10.20
N ALA B 405 27.45 -18.44 -11.26
CA ALA B 405 28.18 -19.67 -11.57
C ALA B 405 29.53 -19.42 -12.20
N GLY B 406 29.86 -18.17 -12.53
CA GLY B 406 31.15 -17.86 -13.14
C GLY B 406 31.31 -18.41 -14.54
N PHE B 407 30.28 -18.33 -15.36
CA PHE B 407 30.36 -18.72 -16.76
C PHE B 407 30.50 -17.52 -17.70
N VAL B 408 30.30 -16.32 -17.18
CA VAL B 408 30.28 -15.11 -18.01
C VAL B 408 31.69 -14.81 -18.49
N ASP B 409 31.83 -14.54 -19.78
CA ASP B 409 33.08 -14.09 -20.38
C ASP B 409 33.12 -12.56 -20.33
N GLU B 410 34.12 -11.98 -21.01
CA GLU B 410 34.23 -10.53 -21.01
C GLU B 410 33.09 -9.87 -21.79
N LYS B 411 32.73 -10.43 -22.94
CA LYS B 411 31.70 -9.82 -23.77
C LYS B 411 30.34 -9.82 -23.10
N GLY B 412 30.13 -10.67 -22.09
CA GLY B 412 28.89 -10.69 -21.34
C GLY B 412 27.94 -11.82 -21.66
N ASP B 413 28.37 -12.79 -22.46
CA ASP B 413 27.53 -13.96 -22.78
C ASP B 413 28.17 -15.22 -22.20
N PHE B 414 27.33 -16.22 -21.94
CA PHE B 414 27.76 -17.46 -21.30
C PHE B 414 27.47 -18.65 -22.21
N ALA B 415 27.70 -18.47 -23.52
CA ALA B 415 27.65 -19.57 -24.47
C ALA B 415 26.25 -20.12 -24.66
N GLY B 416 25.73 -20.83 -23.66
CA GLY B 416 24.49 -21.56 -23.81
C GLY B 416 23.24 -20.75 -23.54
N GLN B 417 23.34 -19.42 -23.64
CA GLN B 417 22.18 -18.56 -23.39
C GLN B 417 21.06 -18.84 -24.38
N TYR B 418 21.41 -19.02 -25.66
CA TYR B 418 20.41 -19.26 -26.69
C TYR B 418 19.42 -20.34 -26.29
N PHE B 419 19.92 -21.55 -26.06
CA PHE B 419 19.04 -22.66 -25.76
C PHE B 419 18.39 -22.53 -24.40
N ALA B 420 19.00 -21.79 -23.46
CA ALA B 420 18.35 -21.54 -22.18
C ALA B 420 17.07 -20.73 -22.39
N PHE B 421 17.16 -19.64 -23.16
CA PHE B 421 15.97 -18.85 -23.44
C PHE B 421 14.94 -19.66 -24.20
N MET B 422 15.39 -20.44 -25.19
CA MET B 422 14.46 -21.26 -25.96
C MET B 422 13.75 -22.27 -25.07
N SER B 423 14.49 -22.90 -24.16
CA SER B 423 13.89 -23.87 -23.25
C SER B 423 12.88 -23.20 -22.33
N ASP B 424 13.21 -22.01 -21.83
CA ASP B 424 12.25 -21.30 -20.98
C ASP B 424 10.96 -21.02 -21.74
N ALA B 425 11.08 -20.55 -23.00
CA ALA B 425 9.88 -20.29 -23.79
C ALA B 425 9.06 -21.56 -24.01
N SER B 426 9.74 -22.66 -24.33
CA SER B 426 9.02 -23.91 -24.55
C SER B 426 8.33 -24.38 -23.28
N ALA B 427 8.98 -24.19 -22.14
CA ALA B 427 8.36 -24.54 -20.87
C ALA B 427 7.13 -23.68 -20.61
N ILE B 428 7.20 -22.39 -20.96
CA ILE B 428 6.03 -21.53 -20.83
C ILE B 428 4.88 -22.07 -21.67
N VAL B 429 5.17 -22.47 -22.91
CA VAL B 429 4.12 -22.98 -23.79
C VAL B 429 3.52 -24.26 -23.21
N ILE B 430 4.36 -25.17 -22.72
CA ILE B 430 3.85 -26.42 -22.17
C ILE B 430 2.99 -26.15 -20.93
N GLY B 431 3.45 -25.25 -20.06
CA GLY B 431 2.63 -24.88 -18.92
C GLY B 431 1.28 -24.32 -19.33
N SER B 432 1.27 -23.49 -20.38
CA SER B 432 0.01 -22.98 -20.91
C SER B 432 -0.89 -24.13 -21.34
N LEU B 433 -0.32 -25.11 -22.03
CA LEU B 433 -1.12 -26.25 -22.48
C LEU B 433 -1.71 -27.02 -21.30
N LEU B 434 -0.93 -27.19 -20.23
CA LEU B 434 -1.41 -27.95 -19.07
C LEU B 434 -2.34 -27.14 -18.17
N GLY B 435 -2.37 -25.82 -18.31
CA GLY B 435 -3.31 -24.99 -17.59
C GLY B 435 -2.79 -24.34 -16.33
N THR B 436 -1.61 -23.74 -16.36
CA THR B 436 -1.06 -23.01 -15.23
C THR B 436 -0.44 -21.71 -15.72
N SER B 437 -0.25 -20.78 -14.78
CA SER B 437 0.40 -19.50 -15.08
C SER B 437 1.77 -19.78 -15.66
N PRO B 438 2.37 -18.84 -16.40
CA PRO B 438 3.64 -19.15 -17.08
C PRO B 438 4.73 -19.52 -16.09
N VAL B 439 5.59 -20.45 -16.52
CA VAL B 439 6.71 -20.92 -15.72
C VAL B 439 7.91 -20.02 -15.97
N THR B 440 8.84 -20.00 -15.01
CA THR B 440 10.02 -19.18 -15.11
C THR B 440 11.17 -19.87 -14.38
N VAL B 441 12.37 -19.31 -14.57
CA VAL B 441 13.54 -19.75 -13.83
C VAL B 441 13.50 -19.15 -12.44
N PHE B 442 13.97 -19.90 -11.45
CA PHE B 442 13.86 -19.50 -10.06
C PHE B 442 15.18 -18.99 -9.51
N ILE B 443 15.12 -17.83 -8.85
CA ILE B 443 16.28 -17.30 -8.15
C ILE B 443 16.76 -18.28 -7.08
N GLU B 444 15.86 -19.11 -6.57
CA GLU B 444 16.24 -20.11 -5.57
C GLU B 444 17.34 -21.02 -6.08
N SER B 445 17.45 -21.21 -7.39
CA SER B 445 18.52 -22.03 -7.95
C SER B 445 19.88 -21.58 -7.46
N SER B 446 20.00 -20.32 -7.01
CA SER B 446 21.27 -19.83 -6.49
C SER B 446 21.83 -20.78 -5.46
N THR B 447 20.97 -21.31 -4.59
CA THR B 447 21.44 -22.22 -3.55
C THR B 447 22.26 -23.35 -4.16
N GLY B 448 21.73 -24.00 -5.19
CA GLY B 448 22.49 -25.05 -5.84
C GLY B 448 23.83 -24.57 -6.34
N ILE B 449 23.87 -23.41 -7.00
CA ILE B 449 25.15 -22.85 -7.42
C ILE B 449 26.03 -22.61 -6.21
N ARG B 450 25.46 -22.08 -5.13
CA ARG B 450 26.24 -21.82 -3.92
C ARG B 450 26.69 -23.09 -3.24
N GLU B 451 26.15 -24.25 -3.65
CA GLU B 451 26.58 -25.53 -3.09
C GLU B 451 27.60 -26.25 -3.97
N GLY B 452 27.88 -25.73 -5.15
CA GLY B 452 28.92 -26.27 -6.01
C GLY B 452 28.45 -26.95 -7.27
N GLY B 453 27.15 -27.22 -7.41
CA GLY B 453 26.64 -27.84 -8.62
C GLY B 453 26.92 -26.96 -9.83
N ARG B 454 27.32 -27.57 -10.94
CA ARG B 454 27.68 -26.80 -12.13
C ARG B 454 27.11 -27.34 -13.44
N THR B 455 26.43 -28.48 -13.45
CA THR B 455 26.00 -29.12 -14.68
C THR B 455 24.50 -29.42 -14.63
N GLY B 456 24.02 -30.09 -15.66
CA GLY B 456 22.59 -30.35 -15.80
C GLY B 456 22.04 -31.39 -14.85
N LEU B 457 22.89 -32.10 -14.12
CA LEU B 457 22.38 -33.11 -13.19
C LEU B 457 21.57 -32.49 -12.08
N THR B 458 21.83 -31.23 -11.74
CA THR B 458 21.03 -30.55 -10.72
C THR B 458 19.58 -30.47 -11.15
N ALA B 459 19.34 -30.06 -12.40
CA ALA B 459 17.97 -29.95 -12.89
C ALA B 459 17.27 -31.30 -12.88
N ILE B 460 17.98 -32.35 -13.29
CA ILE B 460 17.35 -33.67 -13.34
C ILE B 460 17.06 -34.19 -11.94
N THR B 461 17.94 -33.88 -10.98
CA THR B 461 17.69 -34.26 -9.60
C THR B 461 16.44 -33.54 -9.07
N VAL B 462 16.32 -32.25 -9.34
CA VAL B 462 15.13 -31.51 -8.91
C VAL B 462 13.89 -32.08 -9.59
N ALA B 463 14.00 -32.48 -10.85
CA ALA B 463 12.88 -33.08 -11.55
C ALA B 463 12.46 -34.40 -10.89
N VAL B 464 13.44 -35.22 -10.50
CA VAL B 464 13.13 -36.47 -9.82
C VAL B 464 12.43 -36.18 -8.49
N TYR B 465 12.89 -35.15 -7.78
CA TYR B 465 12.25 -34.80 -6.51
C TYR B 465 10.81 -34.35 -6.71
N PHE B 466 10.55 -33.55 -7.76
CA PHE B 466 9.17 -33.21 -8.08
C PHE B 466 8.35 -34.45 -8.41
N LEU B 467 8.92 -35.36 -9.21
CA LEU B 467 8.19 -36.60 -9.51
C LEU B 467 7.84 -37.34 -8.23
N LEU B 468 8.74 -37.29 -7.24
CA LEU B 468 8.42 -37.84 -5.93
C LEU B 468 7.30 -37.07 -5.26
N ALA B 469 7.28 -35.74 -5.41
CA ALA B 469 6.26 -34.93 -4.75
C ALA B 469 4.86 -35.40 -5.10
N MET B 470 4.57 -35.52 -6.38
CA MET B 470 3.33 -36.17 -6.81
C MET B 470 3.31 -37.60 -6.27
N PHE B 471 2.11 -38.17 -6.17
CA PHE B 471 1.73 -39.27 -5.28
C PHE B 471 1.32 -38.77 -3.90
N PHE B 472 1.37 -37.46 -3.63
CA PHE B 472 0.97 -36.92 -2.34
C PHE B 472 -0.08 -35.82 -2.50
N THR B 473 -0.88 -35.89 -3.57
CA THR B 473 -1.95 -34.91 -3.73
C THR B 473 -2.87 -34.83 -2.52
N PRO B 474 -3.28 -35.93 -1.89
CA PRO B 474 -4.21 -35.82 -0.76
C PRO B 474 -3.69 -34.95 0.38
N LEU B 475 -2.39 -35.01 0.69
CA LEU B 475 -1.86 -34.20 1.78
C LEU B 475 -1.72 -32.74 1.40
N LEU B 476 -1.28 -32.45 0.18
CA LEU B 476 -1.08 -31.07 -0.25
C LEU B 476 -2.38 -30.30 -0.47
N ALA B 477 -3.52 -30.99 -0.47
CA ALA B 477 -4.79 -30.35 -0.75
C ALA B 477 -5.43 -29.71 0.47
N SER B 478 -4.84 -29.87 1.66
CA SER B 478 -5.44 -29.39 2.90
C SER B 478 -4.67 -28.22 3.50
N ILE B 479 -4.22 -27.29 2.67
CA ILE B 479 -3.48 -26.11 3.12
C ILE B 479 -4.47 -24.97 3.30
N PRO B 480 -4.65 -24.45 4.51
CA PRO B 480 -5.52 -23.28 4.70
C PRO B 480 -4.80 -21.99 4.35
N ALA B 481 -5.59 -20.91 4.29
CA ALA B 481 -5.04 -19.60 3.93
C ALA B 481 -4.03 -19.13 4.97
N TRP B 482 -4.32 -19.35 6.25
CA TRP B 482 -3.40 -18.92 7.30
C TRP B 482 -2.10 -19.72 7.28
N ALA B 483 -2.02 -20.78 6.48
CA ALA B 483 -0.75 -21.44 6.21
C ALA B 483 -0.07 -20.83 4.99
N VAL B 484 -0.83 -20.42 3.97
CA VAL B 484 -0.22 -19.81 2.80
C VAL B 484 0.42 -18.48 3.17
N GLY B 485 -0.40 -17.48 3.50
CA GLY B 485 -0.01 -16.43 4.42
C GLY B 485 1.45 -15.97 4.42
N PRO B 486 2.14 -16.23 5.53
CA PRO B 486 3.49 -15.68 5.73
C PRO B 486 4.44 -16.01 4.60
N PRO B 487 4.36 -17.18 4.00
CA PRO B 487 5.13 -17.40 2.76
C PRO B 487 4.98 -16.28 1.74
N LEU B 488 3.75 -15.88 1.42
CA LEU B 488 3.56 -14.78 0.49
C LEU B 488 4.15 -13.49 1.05
N ILE B 489 3.93 -13.23 2.34
CA ILE B 489 4.42 -11.98 2.92
C ILE B 489 5.94 -11.90 2.80
N LEU B 490 6.64 -13.00 3.10
CA LEU B 490 8.09 -13.00 3.07
C LEU B 490 8.64 -13.03 1.65
N VAL B 491 7.92 -13.60 0.70
CA VAL B 491 8.33 -13.47 -0.70
C VAL B 491 8.28 -11.99 -1.10
N GLY B 492 7.24 -11.29 -0.67
CA GLY B 492 7.21 -9.84 -0.90
C GLY B 492 8.38 -9.14 -0.23
N VAL B 493 8.70 -9.54 0.99
CA VAL B 493 9.84 -8.94 1.69
C VAL B 493 11.12 -9.12 0.89
N MET B 494 11.36 -10.33 0.39
CA MET B 494 12.56 -10.57 -0.41
C MET B 494 12.54 -9.75 -1.70
N MET B 495 11.39 -9.66 -2.35
CA MET B 495 11.32 -8.91 -3.60
C MET B 495 11.54 -7.43 -3.42
N MET B 496 11.22 -6.87 -2.25
CA MET B 496 11.27 -5.42 -2.08
C MET B 496 12.69 -4.87 -2.14
N LYS B 497 13.72 -5.72 -2.12
CA LYS B 497 15.09 -5.23 -1.97
C LYS B 497 15.58 -4.39 -3.15
N SER B 498 14.83 -4.31 -4.25
CA SER B 498 15.34 -3.66 -5.45
C SER B 498 15.16 -2.15 -5.44
N VAL B 499 14.53 -1.58 -4.40
CA VAL B 499 14.26 -0.15 -4.40
C VAL B 499 15.54 0.67 -4.37
N THR B 500 16.63 0.12 -3.83
CA THR B 500 17.85 0.88 -3.64
C THR B 500 18.42 1.44 -4.94
N GLU B 501 18.19 0.78 -6.07
CA GLU B 501 18.79 1.17 -7.34
C GLU B 501 18.16 2.44 -7.93
N ILE B 502 17.19 3.05 -7.25
CA ILE B 502 16.53 4.25 -7.71
C ILE B 502 17.20 5.46 -7.09
N ASP B 503 17.52 6.45 -7.92
CA ASP B 503 18.06 7.73 -7.45
C ASP B 503 16.88 8.57 -6.97
N TRP B 504 16.61 8.49 -5.66
CA TRP B 504 15.43 9.14 -5.10
C TRP B 504 15.55 10.66 -5.04
N GLU B 505 16.73 11.21 -5.31
CA GLU B 505 16.89 12.66 -5.30
C GLU B 505 16.57 13.30 -6.64
N ASP B 506 16.36 12.51 -7.69
CA ASP B 506 16.05 13.02 -9.02
C ASP B 506 14.56 12.80 -9.29
N MET B 507 13.80 13.90 -9.35
CA MET B 507 12.35 13.79 -9.47
C MET B 507 11.93 13.11 -10.77
N ARG B 508 12.58 13.46 -11.88
CA ARG B 508 12.23 12.87 -13.16
C ARG B 508 12.33 11.35 -13.15
N GLU B 509 13.16 10.80 -12.26
CA GLU B 509 13.25 9.35 -12.08
C GLU B 509 12.52 8.87 -10.85
N ALA B 510 12.31 9.73 -9.86
CA ALA B 510 11.66 9.31 -8.63
C ALA B 510 10.15 9.16 -8.83
N ILE B 511 9.51 10.12 -9.48
CA ILE B 511 8.05 10.17 -9.52
C ILE B 511 7.49 8.94 -10.24
N PRO B 512 7.97 8.58 -11.43
CA PRO B 512 7.45 7.37 -12.07
C PRO B 512 7.61 6.12 -11.23
N ALA B 513 8.74 5.98 -10.54
CA ALA B 513 8.95 4.80 -9.72
C ALA B 513 7.96 4.74 -8.55
N PHE B 514 7.72 5.88 -7.91
CA PHE B 514 6.75 5.89 -6.81
C PHE B 514 5.34 5.59 -7.32
N VAL B 515 4.99 6.14 -8.48
CA VAL B 515 3.69 5.83 -9.07
C VAL B 515 3.56 4.34 -9.33
N THR B 516 4.61 3.74 -9.89
CA THR B 516 4.59 2.32 -10.17
C THR B 516 4.44 1.50 -8.90
N MET B 517 5.12 1.91 -7.83
CA MET B 517 5.06 1.14 -6.60
C MET B 517 3.69 1.24 -5.94
N ILE B 518 3.10 2.43 -5.92
CA ILE B 518 1.86 2.61 -5.18
C ILE B 518 0.61 2.22 -5.98
N LEU B 519 0.68 2.22 -7.32
CA LEU B 519 -0.51 1.86 -8.08
C LEU B 519 -0.76 0.36 -8.11
N MET B 520 0.30 -0.46 -8.09
CA MET B 520 0.09 -1.90 -8.18
C MET B 520 -0.70 -2.45 -7.00
N PRO B 521 -0.32 -2.19 -5.74
CA PRO B 521 -1.08 -2.80 -4.63
C PRO B 521 -2.40 -2.11 -4.34
N LEU B 522 -2.57 -0.85 -4.75
CA LEU B 522 -3.80 -0.14 -4.46
C LEU B 522 -4.87 -0.45 -5.51
N THR B 523 -4.55 -0.25 -6.79
CA THR B 523 -5.47 -0.66 -7.84
C THR B 523 -5.52 -2.17 -7.98
N TYR B 524 -4.61 -2.89 -7.31
CA TYR B 524 -4.67 -4.35 -7.22
C TYR B 524 -4.46 -5.00 -8.57
N SER B 525 -3.76 -4.30 -9.48
CA SER B 525 -3.53 -4.79 -10.83
C SER B 525 -2.14 -4.34 -11.28
N VAL B 526 -1.39 -5.28 -11.86
CA VAL B 526 -0.04 -4.97 -12.31
C VAL B 526 -0.07 -4.10 -13.57
N ALA B 527 -0.97 -4.42 -14.50
CA ALA B 527 -0.98 -3.72 -15.78
C ALA B 527 -1.23 -2.23 -15.61
N TYR B 528 -2.17 -1.88 -14.73
CA TYR B 528 -2.47 -0.46 -14.51
C TYR B 528 -1.27 0.25 -13.89
N GLY B 529 -0.56 -0.41 -12.98
CA GLY B 529 0.64 0.19 -12.42
C GLY B 529 1.69 0.47 -13.49
N LEU B 530 1.94 -0.53 -14.36
CA LEU B 530 2.91 -0.32 -15.42
C LEU B 530 2.48 0.81 -16.35
N ILE B 531 1.20 0.84 -16.72
CA ILE B 531 0.72 1.86 -17.64
C ILE B 531 0.87 3.25 -17.01
N GLY B 532 0.48 3.39 -15.75
CA GLY B 532 0.63 4.66 -15.09
C GLY B 532 2.08 5.10 -15.01
N GLY B 533 2.97 4.19 -14.65
CA GLY B 533 4.37 4.54 -14.57
C GLY B 533 4.93 5.01 -15.89
N ILE B 534 4.66 4.25 -16.96
CA ILE B 534 5.19 4.62 -18.28
C ILE B 534 4.60 5.96 -18.73
N GLY B 535 3.30 6.13 -18.55
CA GLY B 535 2.68 7.40 -18.96
C GLY B 535 3.25 8.58 -18.21
N SER B 536 3.41 8.46 -16.89
CA SER B 536 3.98 9.56 -16.13
C SER B 536 5.40 9.85 -16.56
N TYR B 537 6.20 8.81 -16.80
CA TYR B 537 7.58 9.01 -17.25
C TYR B 537 7.61 9.76 -18.57
N VAL B 538 6.78 9.34 -19.53
CA VAL B 538 6.80 9.98 -20.84
C VAL B 538 6.33 11.43 -20.73
N VAL B 539 5.26 11.69 -19.98
CA VAL B 539 4.78 13.05 -19.83
C VAL B 539 5.82 13.93 -19.17
N LEU B 540 6.55 13.38 -18.19
CA LEU B 540 7.59 14.16 -17.53
C LEU B 540 8.76 14.47 -18.45
N HIS B 541 9.18 13.52 -19.28
CA HIS B 541 10.36 13.68 -20.12
C HIS B 541 10.05 14.32 -21.47
N LEU B 542 8.78 14.56 -21.78
CA LEU B 542 8.41 15.11 -23.08
C LEU B 542 9.15 16.40 -23.38
N TRP B 543 9.27 17.30 -22.39
CA TRP B 543 9.96 18.56 -22.64
C TRP B 543 11.42 18.33 -23.03
N ASP B 544 12.09 17.41 -22.33
CA ASP B 544 13.48 17.12 -22.66
C ASP B 544 13.59 16.51 -24.05
N TRP B 545 12.71 15.56 -24.39
CA TRP B 545 12.74 15.00 -25.74
C TRP B 545 12.58 16.10 -26.78
N GLY B 546 11.61 17.00 -26.57
CA GLY B 546 11.37 18.04 -27.55
C GLY B 546 12.54 19.01 -27.68
N GLU B 547 13.10 19.44 -26.56
CA GLU B 547 14.23 20.36 -26.60
C GLU B 547 15.43 19.73 -27.29
N GLU B 548 15.73 18.47 -26.95
CA GLU B 548 16.85 17.79 -27.59
C GLU B 548 16.63 17.65 -29.09
N GLY B 549 15.45 17.21 -29.51
CA GLY B 549 15.20 17.08 -30.94
C GLY B 549 15.23 18.41 -31.66
N LEU B 550 14.77 19.47 -30.99
CA LEU B 550 14.74 20.78 -31.63
C LEU B 550 16.14 21.37 -31.77
N VAL B 551 16.98 21.20 -30.75
CA VAL B 551 18.39 21.59 -30.87
C VAL B 551 19.05 20.77 -31.97
N LYS B 552 18.71 19.49 -32.05
CA LYS B 552 19.21 18.67 -33.15
C LYS B 552 18.79 19.25 -34.49
N LEU B 553 17.57 19.80 -34.57
CA LEU B 553 17.12 20.44 -35.80
C LEU B 553 17.90 21.71 -36.10
N GLY B 554 18.19 22.53 -35.09
CA GLY B 554 19.10 23.65 -35.25
C GLY B 554 18.59 25.01 -34.80
N PHE B 555 17.30 25.14 -34.48
CA PHE B 555 16.81 26.45 -34.05
C PHE B 555 17.46 26.90 -32.76
N LEU B 556 17.54 26.02 -31.77
CA LEU B 556 18.16 26.32 -30.49
C LEU B 556 19.58 25.78 -30.46
N LYS B 557 20.33 26.17 -29.44
CA LYS B 557 21.71 25.74 -29.27
C LYS B 557 21.84 24.80 -28.07
#